data_2UXX
#
_entry.id   2UXX
#
_cell.length_a   120.798
_cell.length_b   178.500
_cell.length_c   235.880
_cell.angle_alpha   90.00
_cell.angle_beta   90.00
_cell.angle_gamma   90.00
#
_symmetry.space_group_name_H-M   'I 2 2 2'
#
loop_
_entity.id
_entity.type
_entity.pdbx_description
1 polymer 'LYSINE-SPECIFIC HISTONE DEMETHYLASE 1'
2 polymer 'REST COREPRESSOR 1'
3 non-polymer 'FAD-trans-2-Phenylcyclopropylamine Adduct'
4 non-polymer GLYCEROL
5 non-polymer 'CHLORIDE ION'
6 water water
#
loop_
_entity_poly.entity_id
_entity_poly.type
_entity_poly.pdbx_seq_one_letter_code
_entity_poly.pdbx_strand_id
1 'polypeptide(L)'
;PSGVEGAAFQSRLPHDRMTSQEAACFPDIISGPQQTQKVFLFIRNRTLQLWLDNPKIQLTFEATLQQLEAPYNSDTVLVH
RVHSYLERHGLINFGIYKRIKPLPTKKTGKVIIIGSGVSGLAAARQLQSFGMDVTLLEARDRVGGRVATFRKGNYVADLG
AMVVTGLGGNPMAVVSKQVNMELAKIKQKCPLYEANGQAVPKEKDEMVEQEFNRLLEATSYLSHQLDFNVLNNKPVSLGQ
ALEVVIQLQEKHVKDEQIEHWKKIVKTQEELKELLNKMVNLKEKIKELHQQYKEASEVKPPRDITAEFLVKSKHRDLTAL
CKEYDELAETQGKLEEKLQELEANPPSDVYLSSRDRQILDWHFANLEFANATPLSTLSLKHWDQDDDFEFTGSHLTVRNG
YSCVPVALAEGLDIKLNTAVRQVRYTASGCEVIAVNTRSTSQTFIYKCDAVLCTLPLGVLKQQPPAVQFVPPLPEWKTSA
VQRMGFGNLNKVVLCFDRVFWDPSVNLFGHVGSTTASRGELFLFWNLYKAPILLALVAGEAAGIMENISDDVIVGRCLAI
LKGIFGSSAVPQPKETVVSRWRADPWARGSYSYVAAGSSGNDYDLMAQPITPGPSIPGAPQPIPRLFFAGEHTIRNYPAT
VHGALLSGLREAGRIADQFLGAMYTL
;
A
2 'polypeptide(L)'
;MGSSHHHHHHSSGLVPRGSHMASMTGGQQMGRGSEFGRPTETVPQVKKEKHSTQAKNRAKRKPPKGMFLSQEDVEAVSAN
ATAATTVLRQLDMELVSVKRQIQNIKQTNSALKEKLDGGIEPYRLPEVIQKCNARWTTEEQLLAVQAIRKYGRDFQAISD
VIGNKSVVQVKNFFVNYRRRFNIDEVLQEWEAEHGKEETNGPSNQKPVKSPDNSIKMPEEEDEAPVLDVRYASAS
;
B
#
# COMPACT_ATOMS: atom_id res chain seq x y z
N PRO A 1 22.15 -3.12 -18.01
CA PRO A 1 22.44 -2.97 -19.44
C PRO A 1 23.87 -2.51 -19.68
N SER A 2 24.52 -3.07 -20.71
CA SER A 2 25.90 -2.72 -21.06
C SER A 2 26.06 -2.19 -22.49
N GLY A 3 27.27 -1.73 -22.82
CA GLY A 3 27.58 -1.20 -24.15
C GLY A 3 26.81 0.07 -24.48
N VAL A 4 26.32 0.14 -25.71
CA VAL A 4 25.55 1.30 -26.16
C VAL A 4 24.13 1.28 -25.58
N GLU A 5 23.65 0.08 -25.26
CA GLU A 5 22.32 -0.10 -24.67
C GLU A 5 22.28 0.42 -23.23
N GLY A 6 23.46 0.40 -22.58
CA GLY A 6 23.61 0.87 -21.21
C GLY A 6 23.54 2.39 -21.21
N ALA A 7 24.11 2.99 -22.25
CA ALA A 7 24.14 4.43 -22.43
C ALA A 7 22.74 5.02 -22.60
N ALA A 8 21.87 4.29 -23.31
CA ALA A 8 20.50 4.71 -23.54
C ALA A 8 19.72 4.61 -22.25
N PHE A 9 19.94 3.52 -21.51
CA PHE A 9 19.28 3.27 -20.24
C PHE A 9 19.69 4.33 -19.23
N GLN A 10 20.97 4.69 -19.23
CA GLN A 10 21.50 5.69 -18.32
C GLN A 10 20.97 7.09 -18.66
N SER A 11 20.46 7.25 -19.88
CA SER A 11 19.90 8.53 -20.34
C SER A 11 18.37 8.50 -20.33
N ARG A 12 17.79 7.42 -19.82
CA ARG A 12 16.33 7.22 -19.72
C ARG A 12 15.68 7.13 -21.11
N LEU A 13 16.41 6.55 -22.05
CA LEU A 13 15.94 6.39 -23.43
C LEU A 13 15.85 4.92 -23.80
N PRO A 14 14.86 4.54 -24.63
CA PRO A 14 14.86 3.20 -25.21
C PRO A 14 15.94 3.08 -26.29
N HIS A 15 16.77 2.04 -26.21
CA HIS A 15 17.86 1.82 -27.16
C HIS A 15 17.44 1.39 -28.56
N ASP A 16 16.36 0.64 -28.65
CA ASP A 16 15.84 0.11 -29.91
C ASP A 16 14.69 0.92 -30.53
N ARG A 17 14.46 2.13 -30.04
CA ARG A 17 13.37 2.95 -30.56
C ARG A 17 13.60 4.45 -30.41
N MET A 18 13.09 5.21 -31.36
CA MET A 18 13.22 6.67 -31.34
C MET A 18 12.09 7.23 -30.48
N THR A 19 12.42 8.27 -29.70
CA THR A 19 11.44 8.91 -28.83
C THR A 19 10.66 9.99 -29.58
N SER A 20 9.60 10.49 -28.94
CA SER A 20 8.76 11.53 -29.50
C SER A 20 9.58 12.81 -29.75
N GLN A 21 10.51 13.09 -28.84
CA GLN A 21 11.38 14.25 -28.94
C GLN A 21 12.29 14.13 -30.15
N GLU A 22 12.83 12.93 -30.34
CA GLU A 22 13.71 12.64 -31.47
C GLU A 22 12.94 12.70 -32.78
N ALA A 23 11.69 12.25 -32.74
CA ALA A 23 10.81 12.25 -33.90
C ALA A 23 10.58 13.67 -34.40
N ALA A 24 10.42 14.60 -33.46
CA ALA A 24 10.18 16.01 -33.78
C ALA A 24 11.37 16.69 -34.45
N CYS A 25 12.59 16.34 -34.01
CA CYS A 25 13.80 16.93 -34.56
C CYS A 25 14.31 16.19 -35.79
N PHE A 26 13.94 14.91 -35.92
CA PHE A 26 14.37 14.10 -37.04
C PHE A 26 13.15 13.45 -37.73
N PRO A 27 12.22 14.27 -38.26
CA PRO A 27 11.02 13.71 -38.89
C PRO A 27 11.34 12.93 -40.16
N ASP A 28 12.42 13.33 -40.84
CA ASP A 28 12.87 12.67 -42.06
C ASP A 28 13.34 11.24 -41.80
N ILE A 29 13.96 11.04 -40.64
CA ILE A 29 14.49 9.74 -40.25
C ILE A 29 13.43 8.76 -39.73
N ILE A 30 12.59 9.22 -38.80
CA ILE A 30 11.55 8.35 -38.23
C ILE A 30 10.48 7.91 -39.25
N SER A 31 10.25 8.73 -40.27
CA SER A 31 9.26 8.40 -41.31
C SER A 31 9.87 7.58 -42.43
N GLY A 32 11.21 7.62 -42.53
CA GLY A 32 11.94 6.88 -43.56
C GLY A 32 12.12 5.40 -43.26
N PRO A 33 12.93 4.71 -44.09
CA PRO A 33 13.19 3.27 -43.97
C PRO A 33 13.78 2.85 -42.62
N GLN A 34 13.35 1.68 -42.14
CA GLN A 34 13.81 1.11 -40.86
C GLN A 34 15.32 1.11 -40.66
N GLN A 35 16.06 0.81 -41.74
CA GLN A 35 17.52 0.76 -41.70
C GLN A 35 18.14 2.08 -41.23
N THR A 36 17.65 3.20 -41.78
CA THR A 36 18.15 4.54 -41.43
C THR A 36 17.92 4.83 -39.94
N GLN A 37 16.78 4.39 -39.42
CA GLN A 37 16.46 4.60 -38.00
C GLN A 37 17.49 3.91 -37.10
N LYS A 38 17.93 2.72 -37.52
CA LYS A 38 18.93 1.95 -36.77
C LYS A 38 20.30 2.65 -36.79
N VAL A 39 20.58 3.36 -37.87
CA VAL A 39 21.82 4.09 -38.02
C VAL A 39 21.79 5.30 -37.07
N PHE A 40 20.62 5.91 -36.95
CA PHE A 40 20.42 7.07 -36.08
C PHE A 40 20.55 6.63 -34.63
N LEU A 41 19.86 5.56 -34.27
CA LEU A 41 19.87 5.03 -32.90
C LEU A 41 21.28 4.68 -32.43
N PHE A 42 22.09 4.11 -33.32
CA PHE A 42 23.46 3.74 -32.98
C PHE A 42 24.32 4.97 -32.69
N ILE A 43 24.24 5.95 -33.59
CA ILE A 43 25.00 7.20 -33.44
C ILE A 43 24.60 7.87 -32.13
N ARG A 44 23.30 7.91 -31.86
CA ARG A 44 22.78 8.52 -30.65
C ARG A 44 23.31 7.78 -29.41
N ASN A 45 23.13 6.46 -29.38
CA ASN A 45 23.59 5.63 -28.27
C ASN A 45 25.09 5.70 -28.02
N ARG A 46 25.87 5.66 -29.09
CA ARG A 46 27.33 5.72 -28.99
C ARG A 46 27.79 7.07 -28.43
N THR A 47 27.22 8.16 -28.97
CA THR A 47 27.59 9.51 -28.52
C THR A 47 27.29 9.66 -27.02
N LEU A 48 26.22 9.01 -26.57
CA LEU A 48 25.83 9.04 -25.16
C LEU A 48 26.88 8.28 -24.35
N GLN A 49 27.31 7.13 -24.89
CA GLN A 49 28.31 6.28 -24.26
C GLN A 49 29.63 7.03 -24.10
N LEU A 50 30.02 7.76 -25.13
CA LEU A 50 31.27 8.52 -25.12
C LEU A 50 31.27 9.57 -24.01
N TRP A 51 30.14 10.27 -23.87
CA TRP A 51 29.99 11.30 -22.86
C TRP A 51 29.93 10.70 -21.46
N LEU A 52 29.22 9.59 -21.33
CA LEU A 52 29.06 8.91 -20.05
C LEU A 52 30.37 8.31 -19.52
N ASP A 53 31.18 7.77 -20.43
CA ASP A 53 32.46 7.17 -20.07
C ASP A 53 33.43 8.20 -19.48
N ASN A 54 33.23 9.47 -19.85
CA ASN A 54 34.07 10.55 -19.35
C ASN A 54 33.30 11.88 -19.33
N PRO A 55 32.52 12.12 -18.26
CA PRO A 55 31.68 13.31 -18.14
C PRO A 55 32.41 14.52 -17.54
N LYS A 56 33.73 14.40 -17.36
CA LYS A 56 34.53 15.50 -16.79
C LYS A 56 35.05 16.45 -17.86
N ILE A 57 34.87 16.08 -19.13
CA ILE A 57 35.31 16.91 -20.25
C ILE A 57 34.21 17.05 -21.30
N GLN A 58 34.20 18.18 -22.00
CA GLN A 58 33.22 18.44 -23.03
C GLN A 58 33.40 17.49 -24.21
N LEU A 59 32.29 16.92 -24.67
CA LEU A 59 32.31 16.03 -25.81
C LEU A 59 31.91 16.85 -27.03
N THR A 60 32.90 17.18 -27.86
CA THR A 60 32.68 17.98 -29.06
C THR A 60 32.30 17.10 -30.26
N PHE A 61 31.78 17.74 -31.31
CA PHE A 61 31.40 17.03 -32.52
C PHE A 61 32.60 16.35 -33.18
N GLU A 62 33.71 17.08 -33.30
CA GLU A 62 34.93 16.55 -33.90
C GLU A 62 35.46 15.32 -33.16
N ALA A 63 35.41 15.37 -31.83
CA ALA A 63 35.88 14.26 -30.99
C ALA A 63 34.99 13.04 -31.12
N THR A 64 33.71 13.27 -31.42
CA THR A 64 32.72 12.21 -31.57
C THR A 64 32.93 11.46 -32.90
N LEU A 65 33.03 12.23 -33.99
CA LEU A 65 33.23 11.67 -35.32
C LEU A 65 34.54 10.88 -35.38
N GLN A 66 35.53 11.33 -34.62
CA GLN A 66 36.85 10.70 -34.55
C GLN A 66 36.80 9.30 -33.94
N GLN A 67 35.94 9.11 -32.95
CA GLN A 67 35.81 7.82 -32.26
C GLN A 67 34.75 6.88 -32.84
N LEU A 68 34.21 7.24 -34.00
CA LEU A 68 33.20 6.41 -34.67
C LEU A 68 33.80 5.62 -35.81
N GLU A 69 33.46 4.32 -35.87
CA GLU A 69 33.94 3.43 -36.92
C GLU A 69 32.95 3.37 -38.07
N ALA A 70 33.45 2.99 -39.25
CA ALA A 70 32.62 2.88 -40.47
C ALA A 70 31.52 1.84 -40.27
N PRO A 71 30.37 2.01 -40.96
CA PRO A 71 30.05 3.07 -41.92
C PRO A 71 29.41 4.30 -41.29
N TYR A 72 29.06 4.21 -40.01
CA TYR A 72 28.42 5.29 -39.26
C TYR A 72 29.11 6.66 -39.34
N ASN A 73 30.44 6.66 -39.48
CA ASN A 73 31.19 7.92 -39.56
C ASN A 73 31.30 8.53 -40.97
N SER A 74 30.53 7.97 -41.92
CA SER A 74 30.52 8.47 -43.29
C SER A 74 29.59 9.69 -43.40
N ASP A 75 28.39 9.56 -42.86
CA ASP A 75 27.40 10.64 -42.87
C ASP A 75 27.76 11.65 -41.77
N THR A 76 28.59 12.63 -42.14
CA THR A 76 29.03 13.66 -41.19
C THR A 76 27.91 14.58 -40.69
N VAL A 77 26.96 14.89 -41.55
CA VAL A 77 25.84 15.77 -41.19
C VAL A 77 24.89 15.12 -40.18
N LEU A 78 24.63 13.82 -40.38
CA LEU A 78 23.74 13.07 -39.49
C LEU A 78 24.35 13.02 -38.08
N VAL A 79 25.67 12.86 -38.02
CA VAL A 79 26.38 12.80 -36.74
C VAL A 79 26.33 14.19 -36.07
N HIS A 80 26.47 15.24 -36.86
CA HIS A 80 26.43 16.61 -36.34
C HIS A 80 25.03 16.93 -35.81
N ARG A 81 24.01 16.51 -36.53
CA ARG A 81 22.62 16.74 -36.15
C ARG A 81 22.29 16.02 -34.85
N VAL A 82 22.77 14.79 -34.72
CA VAL A 82 22.54 13.99 -33.51
C VAL A 82 23.29 14.63 -32.34
N HIS A 83 24.54 15.01 -32.56
CA HIS A 83 25.38 15.63 -31.54
C HIS A 83 24.78 16.92 -31.01
N SER A 84 24.35 17.80 -31.91
CA SER A 84 23.75 19.08 -31.52
C SER A 84 22.44 18.85 -30.76
N TYR A 85 21.68 17.87 -31.20
CA TYR A 85 20.40 17.53 -30.57
C TYR A 85 20.61 17.12 -29.11
N LEU A 86 21.62 16.27 -28.89
CA LEU A 86 21.94 15.78 -27.55
C LEU A 86 22.48 16.89 -26.65
N GLU A 87 23.30 17.76 -27.23
CA GLU A 87 23.89 18.88 -26.50
C GLU A 87 22.80 19.87 -26.09
N ARG A 88 21.94 20.22 -27.04
CA ARG A 88 20.85 21.17 -26.82
C ARG A 88 19.84 20.70 -25.79
N HIS A 89 19.59 19.39 -25.74
CA HIS A 89 18.64 18.83 -24.78
C HIS A 89 19.30 18.37 -23.48
N GLY A 90 20.58 18.70 -23.32
CA GLY A 90 21.34 18.37 -22.13
C GLY A 90 21.53 16.90 -21.82
N LEU A 91 21.59 16.06 -22.85
CA LEU A 91 21.80 14.63 -22.66
C LEU A 91 23.30 14.34 -22.60
N ILE A 92 24.06 15.28 -23.16
CA ILE A 92 25.51 15.24 -23.18
C ILE A 92 25.92 16.68 -22.88
N ASN A 93 27.14 16.87 -22.36
CA ASN A 93 27.66 18.20 -22.03
C ASN A 93 26.84 19.02 -21.03
N PHE A 94 26.42 18.37 -19.95
CA PHE A 94 25.66 19.05 -18.90
C PHE A 94 26.43 18.97 -17.57
N GLY A 95 26.13 19.90 -16.66
CA GLY A 95 26.79 19.92 -15.36
C GLY A 95 28.09 20.71 -15.34
N ILE A 96 29.11 20.13 -14.71
CA ILE A 96 30.43 20.75 -14.57
C ILE A 96 31.47 19.91 -15.28
N TYR A 97 32.08 20.47 -16.31
CA TYR A 97 33.10 19.77 -17.09
C TYR A 97 34.10 20.75 -17.69
N LYS A 98 35.27 20.24 -18.07
CA LYS A 98 36.31 21.06 -18.67
C LYS A 98 35.92 21.41 -20.11
N ARG A 99 35.87 22.70 -20.41
CA ARG A 99 35.50 23.18 -21.74
C ARG A 99 36.70 23.18 -22.67
N ILE A 100 36.58 22.48 -23.79
CA ILE A 100 37.65 22.41 -24.79
C ILE A 100 37.59 23.65 -25.67
N LYS A 101 36.37 24.07 -26.00
CA LYS A 101 36.13 25.25 -26.83
C LYS A 101 35.64 26.39 -25.94
N PRO A 102 36.55 27.31 -25.54
CA PRO A 102 36.23 28.38 -24.57
C PRO A 102 34.98 29.17 -24.97
N LEU A 103 34.18 29.55 -23.98
CA LEU A 103 32.95 30.31 -24.20
C LEU A 103 33.26 31.57 -25.02
N PRO A 104 32.58 31.73 -26.17
CA PRO A 104 32.75 32.93 -26.99
C PRO A 104 32.39 34.18 -26.17
N THR A 105 33.25 35.20 -26.27
CA THR A 105 33.06 36.46 -25.55
C THR A 105 31.76 37.20 -25.91
N LYS A 106 31.32 37.04 -27.16
CA LYS A 106 30.09 37.67 -27.64
C LYS A 106 28.88 36.81 -27.29
N LYS A 107 27.96 37.39 -26.52
CA LYS A 107 26.75 36.71 -26.08
C LYS A 107 25.53 37.04 -26.95
N THR A 108 24.55 36.14 -26.94
CA THR A 108 23.33 36.32 -27.70
C THR A 108 22.11 36.06 -26.83
N GLY A 109 21.24 37.07 -26.72
CA GLY A 109 20.03 36.98 -25.91
C GLY A 109 20.29 37.18 -24.44
N LYS A 110 19.30 37.71 -23.73
CA LYS A 110 19.40 37.95 -22.30
C LYS A 110 18.30 37.17 -21.57
N VAL A 111 18.70 36.40 -20.56
CA VAL A 111 17.77 35.59 -19.78
C VAL A 111 17.92 35.80 -18.28
N ILE A 112 16.80 36.05 -17.61
CA ILE A 112 16.79 36.22 -16.15
C ILE A 112 16.18 34.96 -15.56
N ILE A 113 16.87 34.36 -14.59
CA ILE A 113 16.39 33.15 -13.95
C ILE A 113 16.05 33.46 -12.50
N ILE A 114 14.82 33.14 -12.11
CA ILE A 114 14.37 33.38 -10.75
C ILE A 114 14.64 32.12 -9.93
N GLY A 115 15.47 32.26 -8.90
CA GLY A 115 15.83 31.15 -8.02
C GLY A 115 17.10 30.45 -8.43
N SER A 116 17.99 30.23 -7.46
CA SER A 116 19.26 29.56 -7.72
C SER A 116 19.32 28.18 -7.05
N GLY A 117 18.23 27.43 -7.18
CA GLY A 117 18.14 26.08 -6.65
C GLY A 117 18.71 25.20 -7.74
N VAL A 118 18.62 23.88 -7.59
CA VAL A 118 19.15 22.96 -8.60
C VAL A 118 18.56 23.15 -10.00
N SER A 119 17.25 23.36 -10.09
CA SER A 119 16.61 23.53 -11.40
C SER A 119 17.07 24.81 -12.09
N GLY A 120 17.21 25.88 -11.32
CA GLY A 120 17.67 27.16 -11.84
C GLY A 120 19.13 27.13 -12.24
N LEU A 121 19.96 26.50 -11.42
CA LEU A 121 21.40 26.39 -11.68
C LEU A 121 21.72 25.55 -12.91
N ALA A 122 21.03 24.42 -13.05
CA ALA A 122 21.23 23.52 -14.18
C ALA A 122 20.97 24.27 -15.48
N ALA A 123 19.82 24.92 -15.56
CA ALA A 123 19.43 25.69 -16.74
C ALA A 123 20.41 26.83 -17.03
N ALA A 124 20.90 27.49 -15.98
CA ALA A 124 21.84 28.60 -16.13
C ALA A 124 23.13 28.16 -16.78
N ARG A 125 23.69 27.04 -16.31
CA ARG A 125 24.93 26.52 -16.85
C ARG A 125 24.77 26.20 -18.33
N GLN A 126 23.62 25.62 -18.67
CA GLN A 126 23.31 25.26 -20.05
C GLN A 126 23.15 26.49 -20.93
N LEU A 127 22.32 27.43 -20.50
CA LEU A 127 22.08 28.66 -21.25
C LEU A 127 23.37 29.43 -21.50
N GLN A 128 24.24 29.47 -20.50
CA GLN A 128 25.52 30.14 -20.61
C GLN A 128 26.35 29.37 -21.63
N SER A 129 26.34 28.05 -21.51
CA SER A 129 27.08 27.17 -22.42
C SER A 129 26.64 27.31 -23.88
N PHE A 130 25.40 27.77 -24.09
CA PHE A 130 24.87 27.96 -25.43
C PHE A 130 25.21 29.34 -25.98
N GLY A 131 25.77 30.19 -25.12
CA GLY A 131 26.17 31.54 -25.51
C GLY A 131 25.20 32.65 -25.17
N MET A 132 24.36 32.43 -24.16
CA MET A 132 23.40 33.45 -23.76
C MET A 132 23.85 34.20 -22.52
N ASP A 133 23.37 35.43 -22.36
CA ASP A 133 23.69 36.26 -21.20
C ASP A 133 22.70 35.85 -20.12
N VAL A 134 23.20 35.26 -19.03
CA VAL A 134 22.34 34.80 -17.96
C VAL A 134 22.67 35.33 -16.57
N THR A 135 21.64 35.82 -15.88
CA THR A 135 21.75 36.34 -14.52
C THR A 135 20.68 35.63 -13.68
N LEU A 136 21.07 35.20 -12.48
CA LEU A 136 20.17 34.52 -11.57
C LEU A 136 19.85 35.42 -10.39
N LEU A 137 18.57 35.45 -10.02
CA LEU A 137 18.12 36.25 -8.89
C LEU A 137 17.68 35.32 -7.78
N GLU A 138 18.40 35.36 -6.67
CA GLU A 138 18.13 34.52 -5.52
C GLU A 138 17.79 35.37 -4.30
N ALA A 139 16.71 35.00 -3.61
CA ALA A 139 16.25 35.70 -2.43
C ALA A 139 17.10 35.41 -1.19
N ARG A 140 17.55 34.16 -1.07
CA ARG A 140 18.37 33.73 0.06
C ARG A 140 19.81 34.27 -0.03
N ASP A 141 20.56 34.09 1.05
CA ASP A 141 21.96 34.51 1.13
C ASP A 141 22.88 33.36 0.73
N ARG A 142 22.33 32.39 0.00
CA ARG A 142 23.05 31.20 -0.46
C ARG A 142 22.34 30.58 -1.65
N VAL A 143 23.00 29.61 -2.28
CA VAL A 143 22.44 28.90 -3.42
C VAL A 143 21.93 27.53 -2.94
N GLY A 144 21.31 26.79 -3.86
CA GLY A 144 20.80 25.46 -3.55
C GLY A 144 19.35 25.34 -3.15
N GLY A 145 18.75 26.45 -2.72
CA GLY A 145 17.34 26.46 -2.31
C GLY A 145 16.94 25.37 -1.34
N ARG A 146 16.30 24.33 -1.87
CA ARG A 146 15.88 23.21 -1.03
C ARG A 146 16.98 22.17 -0.76
N VAL A 147 18.19 22.48 -1.21
CA VAL A 147 19.33 21.64 -0.95
C VAL A 147 20.11 22.52 0.02
N ALA A 148 19.85 22.32 1.31
CA ALA A 148 20.47 23.10 2.36
C ALA A 148 21.21 22.17 3.32
N THR A 149 22.50 22.46 3.51
CA THR A 149 23.33 21.65 4.39
C THR A 149 23.83 22.45 5.58
N PHE A 150 23.57 21.93 6.77
CA PHE A 150 24.03 22.56 8.01
C PHE A 150 25.50 22.21 8.18
N ARG A 151 26.32 23.23 8.36
CA ARG A 151 27.76 23.04 8.53
C ARG A 151 28.32 23.85 9.69
N LYS A 152 28.90 23.16 10.66
CA LYS A 152 29.52 23.79 11.82
C LYS A 152 30.64 22.87 12.30
N GLY A 153 31.88 23.31 12.11
CA GLY A 153 33.06 22.53 12.50
C GLY A 153 33.11 21.30 11.62
N ASN A 154 33.01 20.13 12.23
CA ASN A 154 33.02 18.87 11.50
C ASN A 154 31.60 18.33 11.34
N TYR A 155 30.64 19.03 11.95
CA TYR A 155 29.25 18.63 11.87
C TYR A 155 28.67 19.01 10.51
N VAL A 156 28.16 17.99 9.81
CA VAL A 156 27.56 18.17 8.49
C VAL A 156 26.26 17.37 8.49
N ALA A 157 25.15 18.04 8.19
CA ALA A 157 23.84 17.40 8.16
C ALA A 157 22.90 18.16 7.23
N ASP A 158 22.21 17.43 6.36
CA ASP A 158 21.27 18.03 5.42
C ASP A 158 19.93 18.35 6.06
N LEU A 159 19.43 19.54 5.78
CA LEU A 159 18.16 19.99 6.31
C LEU A 159 17.10 19.92 5.21
N GLY A 160 17.57 19.77 3.97
CA GLY A 160 16.71 19.66 2.80
C GLY A 160 16.94 18.28 2.22
N ALA A 161 17.13 18.21 0.91
CA ALA A 161 17.39 16.94 0.23
C ALA A 161 18.61 16.26 0.83
N MET A 162 18.57 14.93 0.88
CA MET A 162 19.65 14.16 1.47
C MET A 162 19.92 12.83 0.77
N VAL A 163 18.89 12.30 0.12
CA VAL A 163 19.00 11.00 -0.55
C VAL A 163 19.04 11.05 -2.08
N VAL A 164 19.97 10.28 -2.64
CA VAL A 164 20.13 10.11 -4.08
C VAL A 164 19.43 8.76 -4.28
N THR A 165 18.50 8.67 -5.22
CA THR A 165 17.75 7.43 -5.43
C THR A 165 18.18 6.54 -6.59
N GLY A 166 19.14 5.65 -6.34
CA GLY A 166 19.62 4.74 -7.38
C GLY A 166 20.41 5.48 -8.44
N LEU A 167 21.44 4.84 -8.98
CA LEU A 167 22.26 5.48 -9.99
C LEU A 167 21.90 5.07 -11.42
N GLY A 168 21.21 3.95 -11.56
CA GLY A 168 20.81 3.45 -12.87
C GLY A 168 19.76 4.33 -13.51
N GLY A 169 20.18 5.17 -14.45
CA GLY A 169 19.28 6.10 -15.14
C GLY A 169 19.26 7.48 -14.54
N ASN A 170 19.82 7.61 -13.34
CA ASN A 170 19.89 8.87 -12.62
C ASN A 170 20.92 9.82 -13.21
N PRO A 171 20.48 11.04 -13.59
CA PRO A 171 21.42 12.10 -14.00
C PRO A 171 22.40 12.49 -12.89
N MET A 172 22.07 12.13 -11.65
CA MET A 172 22.95 12.42 -10.52
C MET A 172 24.23 11.58 -10.50
N ALA A 173 24.25 10.52 -11.31
CA ALA A 173 25.40 9.64 -11.42
C ALA A 173 26.53 10.37 -12.12
N VAL A 174 26.16 11.20 -13.10
CA VAL A 174 27.12 12.00 -13.86
C VAL A 174 27.63 13.11 -12.96
N VAL A 175 26.71 13.78 -12.26
CA VAL A 175 27.04 14.87 -11.35
C VAL A 175 28.00 14.42 -10.24
N SER A 176 27.80 13.20 -9.75
CA SER A 176 28.64 12.63 -8.69
C SER A 176 30.07 12.31 -9.15
N LYS A 177 30.27 12.37 -10.47
CA LYS A 177 31.59 12.12 -11.06
C LYS A 177 32.26 13.45 -11.37
N GLN A 178 31.46 14.50 -11.42
CA GLN A 178 31.93 15.85 -11.70
C GLN A 178 32.19 16.61 -10.41
N VAL A 179 31.43 16.26 -9.36
CA VAL A 179 31.54 16.89 -8.06
C VAL A 179 32.06 15.86 -7.05
N ASN A 180 32.78 16.35 -6.04
CA ASN A 180 33.34 15.51 -5.00
C ASN A 180 32.24 15.02 -4.04
N MET A 181 31.37 14.15 -4.55
CA MET A 181 30.28 13.60 -3.77
C MET A 181 30.71 12.31 -3.11
N GLU A 182 30.61 12.27 -1.79
CA GLU A 182 30.98 11.09 -1.01
C GLU A 182 29.71 10.28 -0.78
N LEU A 183 29.33 9.50 -1.78
CA LEU A 183 28.12 8.68 -1.71
C LEU A 183 28.34 7.40 -0.89
N ALA A 184 27.40 7.13 0.01
CA ALA A 184 27.46 5.96 0.86
C ALA A 184 26.11 5.24 0.85
N LYS A 185 26.15 3.94 0.61
CA LYS A 185 24.93 3.11 0.57
C LYS A 185 24.15 3.18 1.87
N ILE A 186 22.83 3.09 1.77
CA ILE A 186 21.96 3.13 2.92
C ILE A 186 21.59 1.70 3.33
N LYS A 187 22.00 1.30 4.53
CA LYS A 187 21.70 -0.02 5.05
C LYS A 187 20.21 0.02 5.40
N GLN A 188 19.43 -0.82 4.72
CA GLN A 188 17.98 -0.86 4.92
C GLN A 188 17.44 -1.48 6.22
N LYS A 189 18.33 -1.90 7.12
CA LYS A 189 17.89 -2.50 8.38
C LYS A 189 17.41 -1.41 9.35
N CYS A 190 16.12 -1.43 9.65
CA CYS A 190 15.51 -0.44 10.54
C CYS A 190 14.76 -1.07 11.71
N PRO A 191 15.40 -1.13 12.89
CA PRO A 191 14.76 -1.61 14.12
C PRO A 191 13.76 -0.60 14.66
N LEU A 192 12.63 -1.08 15.16
CA LEU A 192 11.60 -0.20 15.71
C LEU A 192 11.53 -0.29 17.22
N TYR A 193 11.15 0.82 17.86
CA TYR A 193 11.02 0.89 19.30
C TYR A 193 9.69 1.53 19.67
N GLU A 194 8.90 0.83 20.48
CA GLU A 194 7.59 1.32 20.91
C GLU A 194 7.75 2.50 21.88
N ALA A 195 6.62 3.16 22.17
CA ALA A 195 6.59 4.32 23.07
C ALA A 195 7.33 4.08 24.41
N ASN A 196 7.21 2.87 24.94
CA ASN A 196 7.86 2.51 26.21
C ASN A 196 9.40 2.41 26.10
N GLY A 197 9.88 2.23 24.87
CA GLY A 197 11.31 2.13 24.60
C GLY A 197 11.80 0.73 24.24
N GLN A 198 10.94 -0.26 24.40
CA GLN A 198 11.29 -1.65 24.09
C GLN A 198 11.17 -1.95 22.60
N ALA A 199 12.13 -2.69 22.07
CA ALA A 199 12.18 -3.05 20.65
C ALA A 199 11.01 -3.93 20.19
N VAL A 200 10.78 -3.94 18.88
CA VAL A 200 9.72 -4.73 18.28
C VAL A 200 10.36 -6.00 17.69
N PRO A 201 9.96 -7.18 18.20
CA PRO A 201 10.52 -8.46 17.74
C PRO A 201 10.32 -8.71 16.25
N LYS A 202 11.27 -9.42 15.64
CA LYS A 202 11.24 -9.74 14.21
C LYS A 202 9.89 -10.25 13.70
N GLU A 203 9.24 -11.11 14.48
CA GLU A 203 7.94 -11.68 14.12
C GLU A 203 6.89 -10.61 13.83
N LYS A 204 6.73 -9.66 14.76
CA LYS A 204 5.77 -8.57 14.60
C LYS A 204 6.16 -7.60 13.49
N ASP A 205 7.43 -7.21 13.48
CA ASP A 205 7.96 -6.29 12.48
C ASP A 205 7.65 -6.74 11.05
N GLU A 206 7.92 -8.02 10.76
CA GLU A 206 7.67 -8.60 9.45
C GLU A 206 6.18 -8.79 9.14
N MET A 207 5.41 -9.19 10.16
CA MET A 207 3.98 -9.42 10.01
C MET A 207 3.22 -8.13 9.68
N VAL A 208 3.57 -7.04 10.35
CA VAL A 208 2.93 -5.74 10.14
C VAL A 208 3.33 -5.13 8.79
N GLU A 209 4.62 -5.24 8.44
CA GLU A 209 5.11 -4.70 7.17
C GLU A 209 4.44 -5.41 5.99
N GLN A 210 4.30 -6.73 6.10
CA GLN A 210 3.67 -7.54 5.08
C GLN A 210 2.20 -7.10 4.92
N GLU A 211 1.58 -6.80 6.06
CA GLU A 211 0.19 -6.35 6.08
C GLU A 211 0.07 -4.95 5.48
N PHE A 212 1.07 -4.11 5.75
CA PHE A 212 1.13 -2.74 5.24
C PHE A 212 1.14 -2.77 3.70
N ASN A 213 1.97 -3.64 3.15
CA ASN A 213 2.08 -3.80 1.70
C ASN A 213 0.80 -4.38 1.12
N ARG A 214 0.18 -5.28 1.88
CA ARG A 214 -1.08 -5.92 1.48
C ARG A 214 -2.20 -4.90 1.47
N LEU A 215 -2.17 -3.96 2.41
CA LEU A 215 -3.16 -2.91 2.52
C LEU A 215 -3.05 -1.92 1.35
N LEU A 216 -1.81 -1.62 0.93
CA LEU A 216 -1.58 -0.70 -0.18
C LEU A 216 -2.03 -1.34 -1.48
N GLU A 217 -1.72 -2.63 -1.63
CA GLU A 217 -2.08 -3.40 -2.81
C GLU A 217 -3.61 -3.47 -2.94
N ALA A 218 -4.28 -3.53 -1.80
CA ALA A 218 -5.73 -3.60 -1.73
C ALA A 218 -6.38 -2.29 -2.19
N THR A 219 -5.77 -1.16 -1.85
CA THR A 219 -6.28 0.16 -2.24
C THR A 219 -6.19 0.33 -3.75
N SER A 220 -5.19 -0.32 -4.35
CA SER A 220 -4.98 -0.29 -5.79
C SER A 220 -6.10 -1.06 -6.49
N TYR A 221 -6.47 -2.21 -5.91
CA TYR A 221 -7.54 -3.06 -6.43
C TYR A 221 -8.84 -2.27 -6.32
N LEU A 222 -9.00 -1.60 -5.19
CA LEU A 222 -10.16 -0.78 -4.90
C LEU A 222 -10.28 0.40 -5.88
N SER A 223 -9.14 0.83 -6.44
CA SER A 223 -9.12 1.94 -7.38
C SER A 223 -9.27 1.51 -8.85
N HIS A 224 -8.47 0.54 -9.28
CA HIS A 224 -8.50 0.06 -10.66
C HIS A 224 -9.65 -0.90 -11.02
N GLN A 225 -9.93 -1.85 -10.14
CA GLN A 225 -10.97 -2.85 -10.39
C GLN A 225 -12.38 -2.46 -9.92
N LEU A 226 -12.49 -1.87 -8.74
CA LEU A 226 -13.79 -1.47 -8.21
C LEU A 226 -14.20 -0.04 -8.57
N ASP A 227 -13.25 0.69 -9.16
CA ASP A 227 -13.45 2.09 -9.60
C ASP A 227 -13.93 3.03 -8.48
N PHE A 228 -13.46 2.78 -7.26
CA PHE A 228 -13.81 3.59 -6.09
C PHE A 228 -12.87 4.79 -6.06
N ASN A 229 -13.12 5.76 -6.93
CA ASN A 229 -12.28 6.95 -7.04
C ASN A 229 -12.98 8.27 -6.71
N VAL A 230 -14.30 8.24 -6.62
CA VAL A 230 -15.11 9.41 -6.30
C VAL A 230 -16.19 9.00 -5.28
N LEU A 231 -16.28 9.76 -4.19
CA LEU A 231 -17.26 9.51 -3.15
C LEU A 231 -17.83 10.84 -2.66
N ASN A 232 -19.14 11.00 -2.82
CA ASN A 232 -19.85 12.24 -2.42
C ASN A 232 -19.35 13.45 -3.20
N ASN A 233 -19.11 13.25 -4.49
CA ASN A 233 -18.60 14.30 -5.41
C ASN A 233 -17.15 14.71 -5.16
N LYS A 234 -16.54 14.12 -4.13
CA LYS A 234 -15.16 14.41 -3.77
C LYS A 234 -14.25 13.29 -4.28
N PRO A 235 -13.03 13.64 -4.75
CA PRO A 235 -12.06 12.62 -5.11
C PRO A 235 -11.64 11.81 -3.89
N VAL A 236 -11.48 10.51 -4.06
CA VAL A 236 -11.08 9.64 -2.96
C VAL A 236 -9.57 9.75 -2.74
N SER A 237 -9.18 9.81 -1.47
CA SER A 237 -7.78 9.91 -1.11
C SER A 237 -7.22 8.54 -0.72
N LEU A 238 -5.90 8.47 -0.58
CA LEU A 238 -5.23 7.23 -0.20
C LEU A 238 -5.62 6.85 1.23
N GLY A 239 -5.78 7.85 2.09
CA GLY A 239 -6.16 7.65 3.49
C GLY A 239 -7.56 7.07 3.60
N GLN A 240 -8.49 7.63 2.83
CA GLN A 240 -9.88 7.17 2.81
C GLN A 240 -9.94 5.71 2.37
N ALA A 241 -9.22 5.40 1.30
CA ALA A 241 -9.18 4.05 0.76
C ALA A 241 -8.63 3.07 1.79
N LEU A 242 -7.53 3.45 2.44
CA LEU A 242 -6.90 2.62 3.46
C LEU A 242 -7.83 2.39 4.65
N GLU A 243 -8.55 3.43 5.04
CA GLU A 243 -9.50 3.35 6.15
C GLU A 243 -10.59 2.34 5.81
N VAL A 244 -11.13 2.46 4.60
CA VAL A 244 -12.17 1.55 4.11
C VAL A 244 -11.70 0.09 4.12
N VAL A 245 -10.50 -0.14 3.59
CA VAL A 245 -9.93 -1.48 3.54
C VAL A 245 -9.75 -2.07 4.94
N ILE A 246 -9.24 -1.27 5.86
CA ILE A 246 -9.03 -1.73 7.24
C ILE A 246 -10.38 -2.10 7.88
N GLN A 247 -11.38 -1.24 7.68
CA GLN A 247 -12.71 -1.46 8.20
C GLN A 247 -13.32 -2.75 7.65
N LEU A 248 -13.11 -2.99 6.35
CA LEU A 248 -13.62 -4.19 5.70
C LEU A 248 -12.92 -5.45 6.22
N GLN A 249 -11.67 -5.29 6.67
CA GLN A 249 -10.91 -6.41 7.21
C GLN A 249 -11.41 -6.72 8.61
N GLU A 250 -11.85 -5.68 9.32
CA GLU A 250 -12.40 -5.83 10.66
C GLU A 250 -13.76 -6.52 10.53
N LYS A 251 -14.47 -6.17 9.46
CA LYS A 251 -15.79 -6.73 9.14
C LYS A 251 -15.68 -8.22 8.89
N HIS A 252 -14.71 -8.62 8.09
CA HIS A 252 -14.50 -10.03 7.77
C HIS A 252 -14.17 -10.85 9.01
N VAL A 253 -13.34 -10.28 9.88
CA VAL A 253 -12.94 -10.94 11.13
C VAL A 253 -14.20 -11.22 11.96
N LYS A 254 -15.12 -10.26 11.96
CA LYS A 254 -16.38 -10.37 12.69
C LYS A 254 -17.34 -11.32 11.95
N ASP A 255 -17.69 -11.36 10.17
CA ASP A 255 -18.55 -12.23 9.39
C ASP A 255 -18.19 -13.71 9.59
N GLU A 256 -16.50 -13.87 10.17
CA GLU A 256 -15.97 -15.22 10.38
C GLU A 256 -16.31 -15.70 11.79
N GLN A 257 -16.25 -14.79 12.75
CA GLN A 257 -16.56 -15.11 14.15
C GLN A 257 -18.02 -15.55 14.27
N ILE A 258 -18.90 -14.82 13.59
CA ILE A 258 -20.33 -15.11 13.58
C ILE A 258 -20.59 -16.47 12.95
N GLU A 259 -19.98 -16.71 11.78
CA GLU A 259 -20.12 -17.98 11.07
C GLU A 259 -19.70 -19.17 11.92
N HIS A 260 -18.57 -19.03 12.62
CA HIS A 260 -18.03 -20.07 13.49
C HIS A 260 -18.98 -20.39 14.65
N TRP A 261 -19.97 -19.43 14.88
CA TRP A 261 -20.86 -19.63 16.02
C TRP A 261 -22.25 -20.09 15.53
N LYS A 262 -22.13 -19.77 14.65
CA LYS A 262 -23.42 -20.19 14.10
C LYS A 262 -23.35 -21.68 13.77
N LYS A 263 -22.14 -22.18 13.57
CA LYS A 263 -21.92 -23.59 13.28
C LYS A 263 -22.06 -24.36 14.59
N ILE A 264 -21.65 -23.71 15.68
CA ILE A 264 -21.74 -24.29 17.00
C ILE A 264 -23.21 -24.44 17.43
N VAL A 265 -24.00 -23.37 17.25
CA VAL A 265 -25.43 -23.41 17.60
C VAL A 265 -26.23 -24.42 16.77
N LYS A 266 -25.84 -24.60 15.51
CA LYS A 266 -26.51 -25.54 14.62
C LYS A 266 -26.30 -26.97 15.14
N THR A 267 -25.05 -27.27 15.51
CA THR A 267 -24.67 -28.57 16.05
C THR A 267 -25.25 -28.71 17.46
N GLN A 268 -25.29 -27.59 18.17
CA GLN A 268 -25.82 -27.52 19.53
C GLN A 268 -27.32 -27.84 19.51
N GLU A 269 -28.00 -27.41 18.44
CA GLU A 269 -29.43 -27.66 18.29
C GLU A 269 -29.70 -29.07 17.79
N GLU A 270 -28.71 -29.66 17.12
CA GLU A 270 -28.80 -31.04 16.63
C GLU A 270 -28.69 -31.97 17.82
N LEU A 271 -27.93 -31.53 18.83
CA LEU A 271 -27.73 -32.29 20.04
C LEU A 271 -29.00 -32.21 20.88
N LYS A 272 -29.67 -31.06 20.82
CA LYS A 272 -30.91 -30.83 21.55
C LYS A 272 -31.99 -31.79 21.06
N GLU A 273 -32.14 -31.89 19.74
CA GLU A 273 -33.12 -32.79 19.13
C GLU A 273 -32.83 -34.26 19.43
N LEU A 274 -31.55 -34.61 19.36
CA LEU A 274 -31.11 -35.98 19.62
C LEU A 274 -31.30 -36.36 21.08
N LEU A 275 -30.99 -35.43 21.98
CA LEU A 275 -31.14 -35.68 23.42
C LEU A 275 -32.61 -35.84 23.79
N ASN A 276 -33.48 -35.05 23.15
CA ASN A 276 -34.93 -35.13 23.39
C ASN A 276 -35.47 -36.46 22.90
N LYS A 277 -34.92 -36.94 21.78
CA LYS A 277 -35.32 -38.21 21.20
C LYS A 277 -34.88 -39.34 22.14
N MET A 278 -33.65 -39.23 22.64
CA MET A 278 -33.08 -40.22 23.56
C MET A 278 -33.82 -40.29 24.89
N VAL A 279 -34.21 -39.13 25.43
CA VAL A 279 -34.93 -39.05 26.70
C VAL A 279 -36.30 -39.72 26.60
N ASN A 280 -37.02 -39.42 25.51
CA ASN A 280 -38.33 -40.00 25.27
C ASN A 280 -38.25 -41.49 24.97
N LEU A 281 -37.15 -41.90 24.36
CA LEU A 281 -36.94 -43.31 24.03
C LEU A 281 -36.62 -44.07 25.31
N LYS A 282 -35.88 -43.43 26.22
CA LYS A 282 -35.52 -44.02 27.50
C LYS A 282 -36.79 -44.23 28.32
N GLU A 283 -37.76 -43.34 28.14
CA GLU A 283 -39.04 -43.41 28.82
C GLU A 283 -39.82 -44.62 28.34
N LYS A 284 -39.91 -44.79 27.02
CA LYS A 284 -40.62 -45.91 26.42
C LYS A 284 -39.97 -47.24 26.76
N ILE A 285 -38.64 -47.23 26.88
CA ILE A 285 -37.88 -48.42 27.23
C ILE A 285 -38.16 -48.79 28.69
N LYS A 286 -38.26 -47.78 29.55
CA LYS A 286 -38.55 -47.99 30.97
C LYS A 286 -39.94 -48.61 31.10
N GLU A 287 -40.89 -48.09 30.33
CA GLU A 287 -42.27 -48.57 30.31
C GLU A 287 -42.40 -50.00 29.81
N LEU A 288 -41.70 -50.32 28.72
CA LEU A 288 -41.73 -51.67 28.14
C LEU A 288 -41.07 -52.69 29.05
N HIS A 289 -40.02 -52.29 29.76
CA HIS A 289 -39.32 -53.17 30.68
C HIS A 289 -40.24 -53.60 31.81
N GLN A 290 -41.07 -52.66 32.29
CA GLN A 290 -42.01 -52.91 33.36
C GLN A 290 -43.12 -53.83 32.86
N GLN A 291 -43.53 -53.64 31.61
CA GLN A 291 -44.58 -54.46 30.99
C GLN A 291 -44.07 -55.88 30.77
N TYR A 292 -42.81 -56.00 30.36
CA TYR A 292 -42.16 -57.29 30.13
C TYR A 292 -42.07 -58.04 31.45
N LYS A 293 -41.64 -57.34 32.49
CA LYS A 293 -41.50 -57.91 33.82
C LYS A 293 -42.83 -58.45 34.33
N GLU A 294 -43.89 -57.67 34.16
CA GLU A 294 -45.24 -58.07 34.59
C GLU A 294 -45.73 -59.28 33.81
N ALA A 295 -45.35 -59.33 32.53
CA ALA A 295 -45.73 -60.42 31.65
C ALA A 295 -44.94 -61.70 31.99
N SER A 296 -43.71 -61.51 32.44
CA SER A 296 -42.83 -62.62 32.82
C SER A 296 -43.26 -63.26 34.13
N GLU A 297 -43.95 -62.48 34.96
CA GLU A 297 -44.46 -62.95 36.26
C GLU A 297 -45.47 -64.08 36.10
N VAL A 298 -46.17 -64.10 34.96
CA VAL A 298 -47.15 -65.15 34.69
C VAL A 298 -46.37 -66.44 34.44
N LYS A 299 -46.18 -67.21 35.50
CA LYS A 299 -45.43 -68.47 35.46
C LYS A 299 -46.00 -69.55 34.53
N PRO A 300 -45.11 -70.18 33.72
CA PRO A 300 -45.41 -71.37 32.92
C PRO A 300 -45.97 -72.50 33.78
N PRO A 301 -46.78 -73.40 33.17
CA PRO A 301 -47.22 -73.36 31.77
C PRO A 301 -48.26 -72.26 31.54
N ARG A 302 -48.30 -71.73 30.32
CA ARG A 302 -49.24 -70.67 29.97
C ARG A 302 -49.75 -70.79 28.55
N ASP A 303 -50.94 -70.22 28.31
CA ASP A 303 -51.55 -70.24 26.98
C ASP A 303 -50.67 -69.48 25.99
N ILE A 304 -50.84 -69.75 24.71
CA ILE A 304 -50.03 -69.10 23.67
C ILE A 304 -50.14 -67.57 23.59
N THR A 305 -51.26 -67.00 24.05
CA THR A 305 -51.44 -65.55 24.03
C THR A 305 -50.53 -64.88 25.06
N ALA A 306 -50.37 -65.54 26.21
CA ALA A 306 -49.49 -65.04 27.27
C ALA A 306 -48.05 -65.23 26.82
N GLU A 307 -47.82 -66.34 26.11
CA GLU A 307 -46.51 -66.67 25.57
C GLU A 307 -46.15 -65.72 24.42
N PHE A 308 -47.15 -65.28 23.65
CA PHE A 308 -46.89 -64.36 22.55
C PHE A 308 -46.37 -63.08 23.18
N LEU A 309 -47.05 -62.63 24.24
CA LEU A 309 -46.64 -61.46 24.99
C LEU A 309 -45.34 -61.95 25.60
N VAL A 310 -44.59 -61.08 26.26
CA VAL A 310 -43.30 -61.47 26.83
C VAL A 310 -42.29 -61.61 25.69
N LYS A 311 -42.50 -62.62 24.84
CA LYS A 311 -41.64 -62.83 23.69
C LYS A 311 -41.81 -61.67 22.71
N SER A 312 -43.07 -61.22 22.55
CA SER A 312 -43.40 -60.10 21.69
C SER A 312 -42.86 -58.81 22.28
N LYS A 313 -42.87 -58.73 23.61
CA LYS A 313 -42.37 -57.57 24.34
C LYS A 313 -40.85 -57.61 24.40
N HIS A 314 -40.29 -58.82 24.39
CA HIS A 314 -38.85 -59.03 24.43
C HIS A 314 -38.26 -58.45 23.14
N ARG A 315 -38.90 -58.80 22.03
CA ARG A 315 -38.50 -58.35 20.71
C ARG A 315 -38.61 -56.84 20.58
N ASP A 316 -39.69 -56.28 21.10
CA ASP A 316 -39.93 -54.84 21.04
C ASP A 316 -38.92 -54.08 21.89
N LEU A 317 -38.55 -54.68 23.03
CA LEU A 317 -37.58 -54.07 23.94
C LEU A 317 -36.17 -54.15 23.35
N THR A 318 -35.87 -55.26 22.68
CA THR A 318 -34.56 -55.45 22.05
C THR A 318 -34.40 -54.47 20.89
N ALA A 319 -35.46 -54.32 20.09
CA ALA A 319 -35.46 -53.41 18.94
C ALA A 319 -35.27 -51.95 19.37
N LEU A 320 -35.95 -51.56 20.45
CA LEU A 320 -35.84 -50.20 20.97
C LEU A 320 -34.50 -49.95 21.63
N CYS A 321 -33.85 -51.02 22.08
CA CYS A 321 -32.54 -50.92 22.72
C CYS A 321 -31.46 -50.66 21.67
N LYS A 322 -31.67 -51.22 20.46
CA LYS A 322 -30.75 -51.02 19.35
C LYS A 322 -30.81 -49.56 18.93
N GLU A 323 -32.03 -49.02 18.85
CA GLU A 323 -32.25 -47.62 18.47
C GLU A 323 -31.53 -46.65 19.40
N TYR A 324 -31.57 -46.94 20.70
CA TYR A 324 -30.93 -46.09 21.71
C TYR A 324 -29.41 -46.09 21.56
N ASP A 325 -28.84 -47.25 21.26
CA ASP A 325 -27.40 -47.40 21.08
C ASP A 325 -26.89 -46.63 19.87
N GLU A 326 -27.68 -46.61 18.81
CA GLU A 326 -27.33 -45.89 17.59
C GLU A 326 -27.47 -44.40 17.81
N LEU A 327 -28.41 -44.01 18.67
CA LEU A 327 -28.64 -42.61 19.02
C LEU A 327 -27.54 -42.11 19.96
N ALA A 328 -27.06 -42.99 20.84
CA ALA A 328 -25.99 -42.66 21.79
C ALA A 328 -24.66 -42.58 21.05
N GLU A 329 -24.59 -43.30 19.93
CA GLU A 329 -23.40 -43.33 19.08
C GLU A 329 -23.29 -42.01 18.33
N THR A 330 -24.45 -41.43 18.01
CA THR A 330 -24.53 -40.15 17.32
C THR A 330 -24.23 -39.02 18.32
N GLN A 331 -24.56 -39.27 19.59
CA GLN A 331 -24.32 -38.29 20.67
C GLN A 331 -22.83 -38.08 20.88
N GLY A 332 -22.06 -39.16 20.79
CA GLY A 332 -20.61 -39.12 20.97
C GLY A 332 -19.91 -38.38 19.84
N LYS A 333 -20.46 -38.50 18.63
CA LYS A 333 -19.91 -37.84 17.45
C LYS A 333 -20.13 -36.33 17.48
N LEU A 334 -21.34 -35.94 17.89
CA LEU A 334 -21.69 -34.52 17.97
C LEU A 334 -20.98 -33.85 19.15
N GLU A 335 -20.87 -34.58 20.25
CA GLU A 335 -20.21 -34.09 21.46
C GLU A 335 -18.76 -33.71 21.21
N GLU A 336 -18.04 -34.54 20.46
CA GLU A 336 -16.63 -34.28 20.14
C GLU A 336 -16.49 -33.26 19.02
N LYS A 337 -17.51 -33.18 18.16
CA LYS A 337 -17.54 -32.24 17.05
C LYS A 337 -17.65 -30.82 17.61
N LEU A 338 -18.29 -30.70 18.76
CA LEU A 338 -18.45 -29.42 19.45
C LEU A 338 -17.16 -29.07 20.19
N GLN A 339 -16.45 -30.09 20.65
CA GLN A 339 -15.19 -29.91 21.37
C GLN A 339 -14.09 -29.46 20.41
N GLU A 340 -14.23 -29.83 19.15
CA GLU A 340 -13.28 -29.47 18.11
C GLU A 340 -13.47 -28.01 17.70
N LEU A 341 -14.73 -27.61 17.54
CA LEU A 341 -15.07 -26.24 17.16
C LEU A 341 -14.73 -25.26 18.27
N GLU A 342 -14.95 -25.66 19.52
CA GLU A 342 -14.65 -24.82 20.68
C GLU A 342 -13.15 -24.63 20.87
N ALA A 343 -12.36 -25.58 20.34
CA ALA A 343 -10.91 -25.53 20.43
C ALA A 343 -10.27 -24.86 19.21
N ASN A 344 -11.10 -24.60 18.19
CA ASN A 344 -10.63 -23.96 16.95
C ASN A 344 -11.37 -22.68 16.59
N PRO A 345 -11.22 -21.61 17.41
CA PRO A 345 -11.87 -20.35 17.06
C PRO A 345 -11.07 -19.62 15.99
N PRO A 346 -11.75 -18.76 15.19
CA PRO A 346 -11.02 -17.93 14.24
C PRO A 346 -10.32 -16.78 14.96
N SER A 347 -9.73 -15.86 14.20
CA SER A 347 -9.02 -14.71 14.77
C SER A 347 -9.96 -13.80 15.55
N ASP A 348 -9.50 -13.39 16.73
CA ASP A 348 -10.25 -12.51 17.64
C ASP A 348 -10.35 -11.09 17.08
N VAL A 349 -9.23 -10.57 16.59
CA VAL A 349 -9.16 -9.21 16.01
C VAL A 349 -8.36 -9.21 14.73
N TYR A 350 -8.50 -8.13 13.96
CA TYR A 350 -7.75 -7.97 12.72
C TYR A 350 -6.36 -7.49 13.10
N LEU A 351 -6.30 -6.41 13.88
CA LEU A 351 -5.04 -5.83 14.37
C LEU A 351 -5.24 -5.30 15.78
N SER A 352 -4.36 -5.70 16.68
CA SER A 352 -4.43 -5.26 18.07
C SER A 352 -3.98 -3.80 18.20
N SER A 353 -4.16 -3.22 19.38
CA SER A 353 -3.77 -1.84 19.66
C SER A 353 -2.27 -1.65 19.39
N ARG A 354 -1.51 -2.70 19.71
CA ARG A 354 -0.06 -2.70 19.52
C ARG A 354 0.24 -2.81 18.03
N ASP A 355 -0.51 -3.65 17.34
CA ASP A 355 -0.34 -3.86 15.90
C ASP A 355 -0.65 -2.59 15.10
N ARG A 356 -1.72 -1.90 15.50
CA ARG A 356 -2.15 -0.67 14.83
C ARG A 356 -1.11 0.44 15.00
N GLN A 357 -0.44 0.46 16.14
CA GLN A 357 0.59 1.46 16.42
C GLN A 357 1.80 1.27 15.48
N ILE A 358 2.20 0.01 15.29
CA ILE A 358 3.32 -0.32 14.41
C ILE A 358 2.94 -0.05 12.95
N LEU A 359 1.67 -0.26 12.63
CA LEU A 359 1.16 -0.01 11.29
C LEU A 359 1.16 1.49 11.02
N ASP A 360 0.86 2.26 12.07
CA ASP A 360 0.85 3.72 11.98
C ASP A 360 2.23 4.26 11.66
N TRP A 361 3.27 3.53 12.09
CA TRP A 361 4.65 3.94 11.83
C TRP A 361 4.90 3.80 10.33
N HIS A 362 4.42 2.71 9.74
CA HIS A 362 4.59 2.46 8.32
C HIS A 362 3.86 3.52 7.49
N PHE A 363 2.69 3.95 7.97
CA PHE A 363 1.92 4.99 7.29
C PHE A 363 2.64 6.34 7.41
N ALA A 364 3.29 6.55 8.55
CA ALA A 364 4.05 7.78 8.81
C ALA A 364 5.25 7.81 7.87
N ASN A 365 5.85 6.66 7.64
CA ASN A 365 7.00 6.53 6.76
C ASN A 365 6.58 6.88 5.33
N LEU A 366 5.36 6.50 4.97
CA LEU A 366 4.80 6.79 3.65
C LEU A 366 4.46 8.28 3.57
N GLU A 367 4.05 8.85 4.70
CA GLU A 367 3.71 10.26 4.78
C GLU A 367 4.98 11.09 4.68
N PHE A 368 6.10 10.48 5.08
CA PHE A 368 7.39 11.14 5.01
C PHE A 368 7.84 11.18 3.54
N ALA A 369 7.80 10.03 2.88
CA ALA A 369 8.19 9.93 1.47
C ALA A 369 7.40 10.90 0.57
N ASN A 370 6.10 10.99 0.82
CA ASN A 370 5.23 11.87 0.05
C ASN A 370 5.12 13.28 0.63
N ALA A 371 5.75 13.49 1.77
CA ALA A 371 5.75 14.79 2.47
C ALA A 371 4.35 15.37 2.66
N THR A 372 3.37 14.50 2.92
CA THR A 372 1.99 14.93 3.12
C THR A 372 1.20 13.83 3.83
N PRO A 373 0.19 14.22 4.64
CA PRO A 373 -0.77 13.26 5.20
C PRO A 373 -1.43 12.45 4.09
N LEU A 374 -1.64 11.16 4.34
CA LEU A 374 -2.26 10.27 3.35
C LEU A 374 -3.67 10.67 2.91
N SER A 375 -4.32 11.55 3.67
CA SER A 375 -5.68 11.99 3.35
C SER A 375 -5.69 13.05 2.26
N THR A 376 -4.50 13.50 1.85
CA THR A 376 -4.39 14.53 0.80
C THR A 376 -3.98 13.93 -0.54
N LEU A 377 -3.40 12.73 -0.50
CA LEU A 377 -2.94 12.04 -1.71
C LEU A 377 -4.06 11.50 -2.57
N SER A 378 -3.93 11.66 -3.87
CA SER A 378 -4.90 11.14 -4.83
C SER A 378 -4.74 9.64 -4.87
N LEU A 379 -5.82 8.92 -4.62
CA LEU A 379 -5.76 7.45 -4.65
C LEU A 379 -5.38 6.95 -6.03
N LYS A 380 -6.07 7.47 -7.05
CA LYS A 380 -5.85 7.09 -8.44
C LYS A 380 -4.45 7.41 -8.98
N HIS A 381 -3.86 8.52 -8.56
CA HIS A 381 -2.56 8.93 -9.09
C HIS A 381 -1.34 9.11 -8.17
N TRP A 382 -1.46 8.84 -6.87
CA TRP A 382 -0.32 9.03 -5.96
C TRP A 382 0.99 8.35 -6.39
N ASP A 383 0.88 7.24 -7.10
CA ASP A 383 2.05 6.49 -7.57
C ASP A 383 2.17 6.47 -9.10
N GLN A 384 1.84 7.58 -9.74
CA GLN A 384 1.90 7.70 -11.20
C GLN A 384 3.31 7.64 -11.78
N ASP A 385 4.30 7.98 -10.97
CA ASP A 385 5.70 8.00 -11.39
C ASP A 385 6.53 6.77 -10.95
N ASP A 386 5.86 5.72 -10.47
CA ASP A 386 6.57 4.51 -10.02
C ASP A 386 7.32 3.75 -11.12
N ASP A 387 6.80 3.80 -12.35
CA ASP A 387 7.41 3.10 -13.48
C ASP A 387 8.73 3.73 -13.97
N PHE A 388 9.06 4.90 -13.45
CA PHE A 388 10.28 5.62 -13.85
C PHE A 388 11.39 5.61 -12.79
N GLU A 389 11.23 4.76 -11.78
CA GLU A 389 12.23 4.67 -10.70
C GLU A 389 13.55 4.12 -11.21
N PHE A 390 14.63 4.65 -10.67
CA PHE A 390 15.98 4.23 -11.04
C PHE A 390 16.34 2.92 -10.36
N THR A 391 17.16 2.11 -11.02
CA THR A 391 17.59 0.84 -10.45
C THR A 391 18.84 1.11 -9.60
N GLY A 392 19.00 0.33 -8.54
CA GLY A 392 20.14 0.47 -7.64
C GLY A 392 19.68 0.88 -6.25
N SER A 393 20.62 0.87 -5.31
CA SER A 393 20.33 1.23 -3.93
C SER A 393 20.47 2.73 -3.70
N HIS A 394 19.67 3.23 -2.76
CA HIS A 394 19.65 4.63 -2.37
C HIS A 394 20.94 4.97 -1.63
N LEU A 395 21.44 6.18 -1.83
CA LEU A 395 22.68 6.63 -1.19
C LEU A 395 22.49 7.97 -0.48
N THR A 396 23.51 8.36 0.28
CA THR A 396 23.50 9.63 1.00
C THR A 396 24.80 10.38 0.76
N VAL A 397 24.70 11.70 0.74
CA VAL A 397 25.85 12.56 0.52
C VAL A 397 26.51 12.76 1.88
N ARG A 398 27.62 12.07 2.09
CA ARG A 398 28.33 12.13 3.36
C ARG A 398 28.98 13.47 3.65
N ASN A 399 29.30 14.21 2.59
CA ASN A 399 29.92 15.53 2.74
C ASN A 399 28.93 16.68 2.52
N GLY A 400 27.64 16.37 2.66
CA GLY A 400 26.58 17.36 2.49
C GLY A 400 26.20 17.61 1.04
N TYR A 401 24.92 17.47 0.75
CA TYR A 401 24.38 17.66 -0.60
C TYR A 401 24.69 19.04 -1.20
N SER A 402 24.84 20.06 -0.34
CA SER A 402 25.13 21.43 -0.81
C SER A 402 26.35 21.54 -1.72
N CYS A 403 27.20 20.51 -1.74
CA CYS A 403 28.38 20.54 -2.59
C CYS A 403 27.99 20.60 -4.06
N VAL A 404 26.83 20.02 -4.39
CA VAL A 404 26.31 20.02 -5.77
C VAL A 404 25.96 21.43 -6.25
N PRO A 405 25.00 22.12 -5.61
CA PRO A 405 24.67 23.48 -6.04
C PRO A 405 25.86 24.46 -5.94
N VAL A 406 26.66 24.36 -4.89
CA VAL A 406 27.82 25.25 -4.75
C VAL A 406 28.75 25.06 -5.95
N ALA A 407 28.94 23.82 -6.35
CA ALA A 407 29.79 23.49 -7.50
C ALA A 407 29.13 23.99 -8.80
N LEU A 408 27.82 23.82 -8.92
CA LEU A 408 27.08 24.26 -10.11
C LEU A 408 26.97 25.77 -10.21
N ALA A 409 27.29 26.48 -9.14
CA ALA A 409 27.22 27.95 -9.11
C ALA A 409 28.47 28.62 -9.67
N GLU A 410 29.56 27.86 -9.78
CA GLU A 410 30.84 28.37 -10.28
C GLU A 410 30.73 29.01 -11.67
N GLY A 411 31.23 30.24 -11.77
CA GLY A 411 31.22 30.98 -13.03
C GLY A 411 29.89 31.59 -13.45
N LEU A 412 28.90 31.54 -12.57
CA LEU A 412 27.59 32.10 -12.86
C LEU A 412 27.33 33.45 -12.20
N ASP A 413 26.52 34.28 -12.86
CA ASP A 413 26.15 35.59 -12.35
C ASP A 413 24.93 35.43 -11.44
N ILE A 414 25.17 35.32 -10.14
CA ILE A 414 24.11 35.14 -9.16
C ILE A 414 23.97 36.32 -8.21
N LYS A 415 22.78 36.92 -8.18
CA LYS A 415 22.49 38.04 -7.28
C LYS A 415 21.77 37.50 -6.05
N LEU A 416 22.52 37.34 -4.96
CA LEU A 416 21.95 36.83 -3.71
C LEU A 416 21.22 37.96 -3.00
N ASN A 417 20.38 37.62 -2.01
CA ASN A 417 19.61 38.61 -1.25
C ASN A 417 18.76 39.51 -2.15
N THR A 418 18.26 38.93 -3.24
CA THR A 418 17.45 39.64 -4.21
C THR A 418 16.11 38.92 -4.39
N ALA A 419 15.07 39.46 -3.75
CA ALA A 419 13.74 38.88 -3.80
C ALA A 419 12.89 39.46 -4.93
N VAL A 420 12.59 38.62 -5.92
CA VAL A 420 11.75 39.03 -7.04
C VAL A 420 10.37 39.36 -6.51
N ARG A 421 9.85 40.51 -6.93
CA ARG A 421 8.55 40.98 -6.50
C ARG A 421 7.51 40.94 -7.61
N GLN A 422 7.94 41.30 -8.83
CA GLN A 422 7.05 41.35 -9.97
C GLN A 422 7.71 40.89 -11.26
N VAL A 423 6.96 40.18 -12.09
CA VAL A 423 7.45 39.69 -13.38
C VAL A 423 6.54 40.26 -14.47
N ARG A 424 7.14 41.08 -15.33
CA ARG A 424 6.43 41.73 -16.43
C ARG A 424 6.90 41.14 -17.75
N TYR A 425 5.96 40.64 -18.53
CA TYR A 425 6.27 40.04 -19.82
C TYR A 425 5.36 40.58 -20.91
N THR A 426 5.98 41.07 -21.97
CA THR A 426 5.26 41.64 -23.11
C THR A 426 5.80 41.06 -24.42
N ALA A 427 5.20 41.48 -25.54
CA ALA A 427 5.60 41.01 -26.86
C ALA A 427 7.03 41.39 -27.27
N SER A 428 7.55 42.46 -26.68
CA SER A 428 8.89 42.95 -27.01
C SER A 428 9.99 42.52 -26.02
N GLY A 429 9.57 42.01 -24.86
CA GLY A 429 10.53 41.58 -23.86
C GLY A 429 9.96 41.47 -22.45
N CYS A 430 10.87 41.38 -21.48
CA CYS A 430 10.48 41.23 -20.09
C CYS A 430 11.27 42.11 -19.14
N GLU A 431 10.64 42.43 -18.02
CA GLU A 431 11.29 43.20 -16.96
C GLU A 431 10.88 42.61 -15.62
N VAL A 432 11.88 42.35 -14.80
CA VAL A 432 11.67 41.77 -13.48
C VAL A 432 12.01 42.78 -12.39
N ILE A 433 11.06 43.00 -11.50
CA ILE A 433 11.25 43.94 -10.39
C ILE A 433 11.58 43.13 -9.14
N ALA A 434 12.75 43.42 -8.55
CA ALA A 434 13.22 42.73 -7.34
C ALA A 434 13.76 43.73 -6.32
N VAL A 435 13.76 43.33 -5.05
CA VAL A 435 14.25 44.18 -3.96
C VAL A 435 15.35 43.50 -3.14
N ASN A 436 16.06 44.30 -2.36
CA ASN A 436 17.12 43.79 -1.48
C ASN A 436 16.43 43.26 -0.22
N THR A 437 16.69 41.99 0.12
CA THR A 437 16.06 41.39 1.30
C THR A 437 16.52 42.01 2.61
N ARG A 438 17.70 42.63 2.59
CA ARG A 438 18.27 43.27 3.77
C ARG A 438 17.66 44.66 3.99
N SER A 439 17.38 45.36 2.89
CA SER A 439 16.76 46.69 2.92
C SER A 439 15.75 46.75 1.77
N THR A 440 14.52 46.34 2.06
CA THR A 440 13.41 46.26 1.10
C THR A 440 13.14 47.47 0.20
N SER A 441 13.52 48.66 0.64
CA SER A 441 13.31 49.89 -0.14
C SER A 441 14.16 49.97 -1.42
N GLN A 442 15.34 49.36 -1.38
CA GLN A 442 16.24 49.34 -2.54
C GLN A 442 15.63 48.45 -3.63
N THR A 443 15.32 49.04 -4.77
CA THR A 443 14.69 48.34 -5.88
C THR A 443 15.61 48.10 -7.08
N PHE A 444 15.45 46.94 -7.72
CA PHE A 444 16.23 46.56 -8.90
C PHE A 444 15.34 46.21 -10.08
N ILE A 445 15.73 46.66 -11.27
CA ILE A 445 14.99 46.40 -12.49
C ILE A 445 15.88 45.62 -13.46
N TYR A 446 15.39 44.47 -13.91
CA TYR A 446 16.15 43.64 -14.83
C TYR A 446 15.38 43.46 -16.12
N LYS A 447 15.97 43.89 -17.22
CA LYS A 447 15.35 43.77 -18.55
C LYS A 447 15.91 42.53 -19.22
N CYS A 448 15.06 41.80 -19.93
CA CYS A 448 15.49 40.58 -20.62
C CYS A 448 14.55 40.14 -21.72
N ASP A 449 15.04 39.21 -22.54
CA ASP A 449 14.26 38.65 -23.64
C ASP A 449 13.33 37.55 -23.16
N ALA A 450 13.74 36.88 -22.08
CA ALA A 450 12.97 35.77 -21.49
C ALA A 450 13.24 35.61 -19.99
N VAL A 451 12.25 35.07 -19.28
CA VAL A 451 12.34 34.83 -17.85
C VAL A 451 12.06 33.37 -17.55
N LEU A 452 12.95 32.74 -16.78
CA LEU A 452 12.78 31.34 -16.38
C LEU A 452 12.45 31.38 -14.91
N CYS A 453 11.20 31.03 -14.59
CA CYS A 453 10.71 31.02 -13.23
C CYS A 453 10.86 29.64 -12.59
N THR A 454 11.65 29.56 -11.51
CA THR A 454 11.84 28.28 -10.82
C THR A 454 11.35 28.35 -9.37
N LEU A 455 10.42 29.27 -9.12
CA LEU A 455 9.85 29.45 -7.78
C LEU A 455 9.19 28.15 -7.33
N PRO A 456 9.35 27.79 -6.04
CA PRO A 456 8.67 26.59 -5.60
C PRO A 456 7.15 26.73 -5.73
N LEU A 457 6.46 25.61 -5.88
CA LEU A 457 5.01 25.61 -6.01
C LEU A 457 4.36 26.33 -4.83
N GLY A 458 4.92 26.12 -3.64
CA GLY A 458 4.43 26.77 -2.42
C GLY A 458 4.43 28.28 -2.53
N VAL A 459 5.45 28.82 -3.19
CA VAL A 459 5.56 30.26 -3.39
C VAL A 459 4.48 30.70 -4.38
N LEU A 460 4.34 29.94 -5.48
CA LEU A 460 3.34 30.22 -6.50
C LEU A 460 1.92 30.14 -5.95
N LYS A 461 1.76 29.39 -4.87
CA LYS A 461 0.46 29.21 -4.21
C LYS A 461 0.12 30.35 -3.25
N GLN A 462 1.13 31.09 -2.80
CA GLN A 462 0.93 32.20 -1.85
C GLN A 462 -0.27 33.10 -2.12
N GLN A 463 -1.03 33.35 -1.06
CA GLN A 463 -2.22 34.20 -1.12
C GLN A 463 -2.31 35.01 0.18
N PRO A 464 -2.13 36.34 0.08
CA PRO A 464 -1.88 37.14 -1.13
C PRO A 464 -0.52 36.82 -1.73
N PRO A 465 -0.36 37.02 -3.06
CA PRO A 465 0.84 36.57 -3.76
C PRO A 465 2.11 37.29 -3.32
N ALA A 466 3.22 36.57 -3.26
CA ALA A 466 4.51 37.14 -2.91
C ALA A 466 5.12 37.72 -4.16
N VAL A 467 4.82 37.08 -5.30
CA VAL A 467 5.32 37.50 -6.60
C VAL A 467 4.14 37.72 -7.53
N GLN A 468 3.99 38.96 -8.00
CA GLN A 468 2.91 39.35 -8.88
C GLN A 468 3.35 39.28 -10.35
N PHE A 469 2.49 38.68 -11.18
CA PHE A 469 2.77 38.55 -12.60
C PHE A 469 1.93 39.54 -13.38
N VAL A 470 2.57 40.24 -14.32
CA VAL A 470 1.88 41.23 -15.14
C VAL A 470 2.18 40.96 -16.62
N PRO A 471 1.14 40.61 -17.41
CA PRO A 471 -0.24 40.39 -16.99
C PRO A 471 -0.38 39.15 -16.10
N PRO A 472 -1.53 39.01 -15.40
CA PRO A 472 -1.70 37.84 -14.55
C PRO A 472 -1.61 36.55 -15.35
N LEU A 473 -1.16 35.47 -14.71
CA LEU A 473 -1.05 34.17 -15.35
C LEU A 473 -2.44 33.71 -15.76
N PRO A 474 -2.54 33.01 -16.91
CA PRO A 474 -3.86 32.52 -17.36
C PRO A 474 -4.47 31.51 -16.39
N GLU A 475 -5.80 31.40 -16.44
CA GLU A 475 -6.56 30.48 -15.59
C GLU A 475 -6.07 29.04 -15.66
N TRP A 476 -5.66 28.59 -16.85
CA TRP A 476 -5.19 27.21 -16.99
C TRP A 476 -3.92 26.98 -16.17
N LYS A 477 -3.11 28.03 -16.01
CA LYS A 477 -1.89 27.93 -15.23
C LYS A 477 -2.19 28.02 -13.72
N THR A 478 -2.99 29.00 -13.32
CA THR A 478 -3.32 29.18 -11.90
C THR A 478 -4.13 28.03 -11.31
N SER A 479 -5.02 27.45 -12.12
CA SER A 479 -5.86 26.34 -11.67
C SER A 479 -5.05 25.11 -11.37
N ALA A 480 -3.97 24.92 -12.13
CA ALA A 480 -3.08 23.79 -11.92
C ALA A 480 -2.39 24.02 -10.58
N VAL A 481 -1.85 25.24 -10.41
CA VAL A 481 -1.17 25.66 -9.18
C VAL A 481 -2.02 25.38 -7.94
N GLN A 482 -3.32 25.67 -8.05
CA GLN A 482 -4.24 25.47 -6.93
C GLN A 482 -4.58 24.00 -6.69
N ARG A 483 -4.67 23.22 -7.76
CA ARG A 483 -4.98 21.80 -7.67
C ARG A 483 -3.81 21.00 -7.11
N MET A 484 -2.61 21.24 -7.66
CA MET A 484 -1.40 20.54 -7.23
C MET A 484 -1.18 20.65 -5.74
N GLY A 485 -0.61 19.62 -5.15
CA GLY A 485 -0.35 19.62 -3.73
C GLY A 485 1.09 19.99 -3.42
N PHE A 486 1.28 20.70 -2.31
CA PHE A 486 2.62 21.08 -1.87
C PHE A 486 2.75 20.72 -0.41
N GLY A 487 3.39 19.58 -0.18
CA GLY A 487 3.58 19.05 1.16
C GLY A 487 4.63 19.69 2.03
N ASN A 488 4.87 19.05 3.16
CA ASN A 488 5.83 19.50 4.15
C ASN A 488 6.38 18.33 4.96
N LEU A 489 7.62 18.50 5.41
CA LEU A 489 8.33 17.53 6.24
C LEU A 489 9.50 18.28 6.83
N ASN A 490 9.84 17.98 8.08
CA ASN A 490 10.95 18.67 8.73
C ASN A 490 11.97 17.74 9.34
N LYS A 491 13.13 18.30 9.66
CA LYS A 491 14.23 17.54 10.22
C LYS A 491 14.84 18.24 11.44
N VAL A 492 15.22 17.44 12.42
CA VAL A 492 15.82 17.94 13.66
C VAL A 492 17.25 17.38 13.75
N VAL A 493 18.23 18.26 13.63
CA VAL A 493 19.64 17.87 13.70
C VAL A 493 20.14 17.90 15.14
N LEU A 494 20.54 16.73 15.65
CA LEU A 494 21.03 16.59 17.01
C LEU A 494 22.53 16.26 17.03
N CYS A 495 23.34 17.25 17.38
CA CYS A 495 24.80 17.09 17.44
C CYS A 495 25.26 16.75 18.86
N PHE A 496 25.96 15.63 18.98
CA PHE A 496 26.48 15.20 20.27
C PHE A 496 28.01 15.15 20.27
N ASP A 497 28.59 14.73 21.39
CA ASP A 497 30.03 14.63 21.53
C ASP A 497 30.52 13.18 21.48
N ARG A 498 29.58 12.23 21.62
CA ARG A 498 29.88 10.80 21.61
C ARG A 498 28.75 9.98 20.96
N VAL A 499 29.06 8.76 20.56
CA VAL A 499 28.09 7.87 19.94
C VAL A 499 27.53 6.88 20.95
N PHE A 500 26.25 7.03 21.27
CA PHE A 500 25.59 6.14 22.24
C PHE A 500 24.62 5.18 21.55
N TRP A 501 24.50 5.31 20.23
CA TRP A 501 23.61 4.47 19.43
C TRP A 501 24.37 3.34 18.73
N ASP A 502 23.64 2.47 18.05
CA ASP A 502 24.22 1.35 17.32
C ASP A 502 24.86 1.86 16.03
N PRO A 503 26.19 1.76 15.92
CA PRO A 503 26.92 2.31 14.77
C PRO A 503 26.66 1.56 13.46
N SER A 504 26.42 0.27 13.54
CA SER A 504 26.16 -0.55 12.36
C SER A 504 24.77 -0.28 11.76
N VAL A 505 23.92 0.37 12.54
CA VAL A 505 22.56 0.71 12.12
C VAL A 505 22.49 2.15 11.57
N ASN A 506 22.05 2.28 10.33
CA ASN A 506 21.93 3.57 9.67
C ASN A 506 20.71 4.37 10.13
N LEU A 507 19.67 3.64 10.55
CA LEU A 507 18.42 4.28 10.99
C LEU A 507 17.52 3.38 11.83
N PHE A 508 16.87 4.00 12.81
CA PHE A 508 15.94 3.29 13.69
C PHE A 508 14.68 4.12 13.87
N GLY A 509 13.57 3.45 14.17
CA GLY A 509 12.30 4.15 14.34
C GLY A 509 11.70 4.19 15.73
N HIS A 510 10.79 5.14 15.92
CA HIS A 510 10.07 5.33 17.16
C HIS A 510 8.58 5.24 16.86
N VAL A 511 7.93 4.27 17.49
CA VAL A 511 6.49 4.06 17.29
C VAL A 511 5.69 4.94 18.24
N GLY A 512 4.90 5.84 17.67
CA GLY A 512 4.07 6.76 18.45
C GLY A 512 2.90 6.07 19.11
N SER A 513 2.35 6.70 20.16
CA SER A 513 1.22 6.14 20.90
C SER A 513 -0.09 6.22 20.13
N THR A 514 -0.36 7.36 19.49
CA THR A 514 -1.59 7.58 18.73
C THR A 514 -1.35 7.76 17.24
N THR A 515 -2.44 7.62 16.46
CA THR A 515 -2.43 7.77 15.02
C THR A 515 -2.17 9.24 14.65
N ALA A 516 -2.70 10.14 15.47
CA ALA A 516 -2.55 11.57 15.28
C ALA A 516 -1.09 12.02 15.25
N SER A 517 -0.31 11.51 16.20
CA SER A 517 1.11 11.86 16.31
C SER A 517 2.06 10.81 15.73
N ARG A 518 1.58 10.01 14.79
CA ARG A 518 2.40 8.95 14.18
C ARG A 518 3.70 9.44 13.51
N GLY A 519 3.67 10.63 12.91
CA GLY A 519 4.84 11.18 12.23
C GLY A 519 5.74 12.07 13.07
N GLU A 520 5.43 12.17 14.37
CA GLU A 520 6.23 13.00 15.29
C GLU A 520 7.51 12.30 15.72
N LEU A 521 8.63 12.73 15.14
CA LEU A 521 9.96 12.19 15.44
C LEU A 521 9.94 10.66 15.41
N PHE A 522 9.37 10.12 14.33
CA PHE A 522 9.23 8.69 14.15
C PHE A 522 10.47 7.98 13.60
N LEU A 523 11.40 8.74 13.02
CA LEU A 523 12.60 8.14 12.44
C LEU A 523 13.88 8.91 12.73
N PHE A 524 14.93 8.18 13.08
CA PHE A 524 16.22 8.76 13.40
C PHE A 524 17.31 8.25 12.46
N TRP A 525 18.03 9.17 11.81
CA TRP A 525 19.09 8.82 10.88
C TRP A 525 20.50 8.93 11.47
N ASN A 526 21.34 7.98 11.09
CA ASN A 526 22.74 7.91 11.50
C ASN A 526 23.54 7.67 10.22
N LEU A 527 23.88 8.75 9.53
CA LEU A 527 24.58 8.63 8.25
C LEU A 527 25.84 9.49 8.10
N TYR A 528 26.08 10.39 9.04
CA TYR A 528 27.24 11.28 8.95
C TYR A 528 28.46 10.85 9.76
N LYS A 529 29.61 11.47 9.44
CA LYS A 529 30.89 11.19 10.11
C LYS A 529 30.85 11.48 11.61
N ALA A 530 30.58 12.74 11.95
CA ALA A 530 30.50 13.20 13.34
C ALA A 530 29.27 12.59 14.03
N PRO A 531 29.33 12.40 15.37
CA PRO A 531 28.20 11.85 16.13
C PRO A 531 26.94 12.73 16.01
N ILE A 532 26.19 12.52 14.93
CA ILE A 532 24.96 13.26 14.66
C ILE A 532 23.77 12.34 14.46
N LEU A 533 22.65 12.74 15.03
CA LEU A 533 21.39 12.02 14.90
C LEU A 533 20.39 12.99 14.31
N LEU A 534 19.69 12.54 13.27
CA LEU A 534 18.71 13.36 12.58
C LEU A 534 17.30 12.80 12.74
N ALA A 535 16.43 13.58 13.38
CA ALA A 535 15.04 13.18 13.60
C ALA A 535 14.12 13.72 12.50
N LEU A 536 13.12 12.92 12.12
CA LEU A 536 12.18 13.31 11.07
C LEU A 536 10.77 13.58 11.59
N VAL A 537 10.16 14.65 11.09
CA VAL A 537 8.80 15.00 11.46
C VAL A 537 7.98 14.95 10.17
N ALA A 538 7.05 14.01 10.11
CA ALA A 538 6.22 13.83 8.92
C ALA A 538 4.72 13.90 9.20
N GLY A 539 3.94 13.84 8.11
CA GLY A 539 2.48 13.88 8.18
C GLY A 539 1.91 15.11 8.86
N GLU A 540 0.74 14.93 9.48
CA GLU A 540 0.06 16.02 10.18
C GLU A 540 0.93 16.68 11.24
N ALA A 541 1.92 15.94 11.75
CA ALA A 541 2.83 16.45 12.78
C ALA A 541 3.74 17.55 12.25
N ALA A 542 4.21 17.40 11.02
CA ALA A 542 5.10 18.38 10.38
C ALA A 542 4.60 19.81 10.53
N GLY A 543 3.37 20.05 10.08
CA GLY A 543 2.75 21.37 10.16
C GLY A 543 2.57 21.92 11.56
N ILE A 544 2.20 21.04 12.50
CA ILE A 544 1.99 21.44 13.89
C ILE A 544 3.28 21.75 14.64
N MET A 545 4.27 20.87 14.52
CA MET A 545 5.57 21.03 15.20
C MET A 545 6.27 22.35 14.87
N GLU A 546 5.91 22.97 13.75
CA GLU A 546 6.51 24.24 13.34
C GLU A 546 6.15 25.39 14.29
N ASN A 547 5.04 25.23 15.00
CA ASN A 547 4.58 26.24 15.96
C ASN A 547 5.11 25.94 17.36
N ILE A 548 5.86 24.86 17.48
CA ILE A 548 6.47 24.44 18.74
C ILE A 548 7.93 24.88 18.73
N SER A 549 8.38 25.50 19.81
CA SER A 549 9.76 25.99 19.95
C SER A 549 10.81 24.88 19.89
N ASP A 550 12.03 25.25 19.51
CA ASP A 550 13.17 24.33 19.40
C ASP A 550 13.41 23.55 20.68
N ASP A 551 13.50 24.26 21.82
CA ASP A 551 13.74 23.66 23.13
C ASP A 551 12.80 22.49 23.44
N VAL A 552 11.51 22.70 23.19
CA VAL A 552 10.50 21.66 23.45
C VAL A 552 10.68 20.49 22.48
N ILE A 553 11.01 20.80 21.23
CA ILE A 553 11.23 19.77 20.21
C ILE A 553 12.42 18.88 20.60
N VAL A 554 13.54 19.53 20.93
CA VAL A 554 14.77 18.84 21.33
C VAL A 554 14.50 18.00 22.58
N GLY A 555 13.67 18.53 23.49
CA GLY A 555 13.30 17.83 24.71
C GLY A 555 12.63 16.51 24.41
N ARG A 556 11.66 16.54 23.49
CA ARG A 556 10.93 15.33 23.07
C ARG A 556 11.89 14.33 22.43
N CYS A 557 12.83 14.82 21.63
CA CYS A 557 13.83 13.99 20.97
C CYS A 557 14.66 13.23 22.00
N LEU A 558 15.12 13.95 23.02
CA LEU A 558 15.92 13.37 24.08
C LEU A 558 15.12 12.36 24.90
N ALA A 559 13.88 12.71 25.21
CA ALA A 559 12.98 11.84 25.98
C ALA A 559 12.83 10.48 25.29
N ILE A 560 12.65 10.51 23.97
CA ILE A 560 12.50 9.31 23.16
C ILE A 560 13.79 8.49 23.20
N LEU A 561 14.92 9.16 22.96
CA LEU A 561 16.23 8.52 22.98
C LEU A 561 16.60 7.94 24.35
N LYS A 562 16.25 8.67 25.42
CA LYS A 562 16.51 8.22 26.79
C LYS A 562 15.78 6.91 27.08
N GLY A 563 14.55 6.81 26.57
CA GLY A 563 13.73 5.62 26.76
C GLY A 563 14.22 4.41 26.00
N ILE A 564 15.10 4.63 25.02
CA ILE A 564 15.65 3.56 24.21
C ILE A 564 17.05 3.12 24.65
N PHE A 565 17.98 4.07 24.73
CA PHE A 565 19.36 3.78 25.09
C PHE A 565 19.72 3.89 26.59
N GLY A 566 18.81 4.42 27.39
CA GLY A 566 19.03 4.60 28.82
C GLY A 566 19.08 6.07 29.18
N SER A 567 18.46 6.43 30.31
CA SER A 567 18.37 7.81 30.78
C SER A 567 19.72 8.55 30.98
N SER A 568 20.78 7.80 31.25
CA SER A 568 22.11 8.38 31.47
C SER A 568 23.01 8.34 30.23
N ALA A 569 22.63 7.51 29.26
CA ALA A 569 23.40 7.35 28.02
C ALA A 569 23.25 8.52 27.04
N VAL A 570 22.20 9.33 27.20
CA VAL A 570 21.94 10.47 26.32
C VAL A 570 22.32 11.80 26.96
N PRO A 571 23.45 12.39 26.54
CA PRO A 571 23.88 13.68 27.07
C PRO A 571 23.22 14.85 26.33
N GLN A 572 23.23 16.03 26.95
CA GLN A 572 22.64 17.21 26.33
C GLN A 572 23.40 17.53 25.05
N PRO A 573 22.67 17.79 23.95
CA PRO A 573 23.29 18.06 22.65
C PRO A 573 24.11 19.34 22.64
N LYS A 574 25.22 19.34 21.92
CA LYS A 574 26.08 20.51 21.81
C LYS A 574 25.56 21.50 20.80
N GLU A 575 24.85 20.99 19.78
CA GLU A 575 24.27 21.80 18.72
C GLU A 575 22.97 21.20 18.23
N THR A 576 21.97 22.05 17.99
CA THR A 576 20.66 21.61 17.49
C THR A 576 20.12 22.58 16.46
N VAL A 577 19.54 22.03 15.40
CA VAL A 577 18.95 22.80 14.31
C VAL A 577 17.60 22.16 13.99
N VAL A 578 16.59 23.02 13.81
CA VAL A 578 15.24 22.57 13.49
C VAL A 578 14.77 23.30 12.23
N SER A 579 14.34 22.53 11.23
CA SER A 579 13.86 23.12 9.99
C SER A 579 12.36 23.42 10.07
N ARG A 580 11.95 24.45 9.35
CA ARG A 580 10.55 24.88 9.29
C ARG A 580 10.30 25.28 7.83
N TRP A 581 10.18 24.28 6.98
CA TRP A 581 9.97 24.49 5.55
C TRP A 581 8.67 25.21 5.16
N ARG A 582 7.59 24.95 5.90
CA ARG A 582 6.32 25.60 5.60
C ARG A 582 6.35 27.10 5.89
N ALA A 583 6.96 27.47 7.01
CA ALA A 583 7.07 28.88 7.41
C ALA A 583 8.09 29.64 6.59
N ASP A 584 9.01 28.90 5.96
CA ASP A 584 10.06 29.48 5.13
C ASP A 584 9.44 30.19 3.94
N PRO A 585 9.56 31.53 3.88
CA PRO A 585 8.95 32.32 2.79
C PRO A 585 9.47 31.99 1.40
N TRP A 586 10.66 31.40 1.30
CA TRP A 586 11.26 31.05 0.01
C TRP A 586 11.02 29.60 -0.40
N ALA A 587 10.15 28.92 0.33
CA ALA A 587 9.81 27.53 0.07
C ALA A 587 8.31 27.32 0.23
N ARG A 588 7.81 27.60 1.44
CA ARG A 588 6.40 27.47 1.79
C ARG A 588 5.97 25.99 1.75
N GLY A 589 6.91 25.12 2.09
CA GLY A 589 6.69 23.67 2.11
C GLY A 589 7.96 22.94 1.69
N SER A 590 7.91 21.61 1.67
CA SER A 590 9.07 20.80 1.29
C SER A 590 9.09 20.46 -0.20
N TYR A 591 8.04 19.76 -0.67
CA TYR A 591 7.92 19.39 -2.08
C TYR A 591 6.50 19.04 -2.50
N SER A 592 6.27 18.97 -3.82
CA SER A 592 4.93 18.68 -4.33
C SER A 592 4.52 17.21 -4.23
N TYR A 593 3.21 17.00 -4.19
CA TYR A 593 2.63 15.65 -4.12
C TYR A 593 1.39 15.63 -5.01
N VAL A 594 0.97 14.45 -5.44
CA VAL A 594 -0.20 14.34 -6.29
C VAL A 594 -1.43 14.37 -5.40
N ALA A 595 -2.04 15.53 -5.30
CA ALA A 595 -3.22 15.71 -4.46
C ALA A 595 -4.48 15.13 -5.09
N ALA A 596 -5.44 14.81 -4.25
CA ALA A 596 -6.72 14.28 -4.69
C ALA A 596 -7.37 15.40 -5.51
N GLY A 597 -7.79 15.07 -6.73
CA GLY A 597 -8.41 16.06 -7.62
C GLY A 597 -7.43 16.57 -8.64
N SER A 598 -6.18 16.12 -8.52
CA SER A 598 -5.11 16.51 -9.43
C SER A 598 -4.65 15.25 -10.15
N SER A 599 -3.69 15.41 -11.06
CA SER A 599 -3.15 14.28 -11.81
C SER A 599 -1.78 14.67 -12.36
N GLY A 600 -1.15 13.74 -13.07
CA GLY A 600 0.16 13.98 -13.66
C GLY A 600 0.10 15.03 -14.76
N ASN A 601 -1.11 15.32 -15.25
CA ASN A 601 -1.28 16.30 -16.32
C ASN A 601 -1.01 17.73 -15.84
N ASP A 602 -1.26 17.97 -14.55
CA ASP A 602 -1.03 19.28 -13.95
C ASP A 602 0.46 19.66 -13.99
N TYR A 603 1.32 18.63 -13.91
CA TYR A 603 2.76 18.82 -13.96
C TYR A 603 3.14 19.34 -15.34
N ASP A 604 2.49 18.80 -16.36
CA ASP A 604 2.71 19.20 -17.75
C ASP A 604 2.26 20.65 -17.93
N LEU A 605 1.14 20.99 -17.32
CA LEU A 605 0.60 22.34 -17.38
C LEU A 605 1.55 23.33 -16.72
N MET A 606 2.18 22.90 -15.62
CA MET A 606 3.13 23.73 -14.89
C MET A 606 4.36 23.99 -15.73
N ALA A 607 4.69 23.06 -16.63
CA ALA A 607 5.85 23.20 -17.50
C ALA A 607 5.64 24.08 -18.74
N GLN A 608 4.38 24.27 -19.14
CA GLN A 608 4.05 25.08 -20.31
C GLN A 608 4.44 26.55 -20.19
N PRO A 609 5.22 27.05 -21.17
CA PRO A 609 5.61 28.46 -21.21
C PRO A 609 4.42 29.38 -21.46
N ILE A 610 4.55 30.65 -21.07
CA ILE A 610 3.51 31.65 -21.27
C ILE A 610 3.88 32.60 -22.40
N THR A 611 2.96 32.75 -23.34
CA THR A 611 3.14 33.64 -24.48
C THR A 611 2.24 34.86 -24.31
N PRO A 612 2.85 36.06 -24.24
CA PRO A 612 2.09 37.29 -24.04
C PRO A 612 1.28 37.68 -25.27
N GLY A 613 0.28 38.54 -25.08
CA GLY A 613 -0.54 39.00 -26.20
C GLY A 613 0.27 40.04 -26.98
N PRO A 614 -0.20 40.43 -28.18
CA PRO A 614 0.53 41.45 -28.91
C PRO A 614 0.38 42.84 -28.28
N SER A 615 1.40 43.67 -28.43
CA SER A 615 1.36 45.03 -27.90
C SER A 615 0.47 45.88 -28.79
N ILE A 616 0.63 45.67 -30.10
CA ILE A 616 -0.14 46.38 -31.12
C ILE A 616 -1.22 45.43 -31.63
N PRO A 617 -2.49 45.86 -31.63
CA PRO A 617 -3.56 45.03 -32.19
C PRO A 617 -3.30 44.74 -33.68
N GLY A 618 -3.40 43.46 -34.05
CA GLY A 618 -3.17 43.05 -35.43
C GLY A 618 -1.73 42.62 -35.73
N ALA A 619 -0.87 42.63 -34.70
CA ALA A 619 0.52 42.23 -34.85
C ALA A 619 0.63 40.71 -34.75
N PRO A 620 1.64 40.11 -35.43
CA PRO A 620 1.80 38.66 -35.47
C PRO A 620 1.98 38.02 -34.09
N GLN A 621 1.56 36.76 -33.97
CA GLN A 621 1.65 35.98 -32.72
C GLN A 621 3.06 36.04 -32.09
N PRO A 622 3.17 36.64 -30.90
CA PRO A 622 4.48 36.80 -30.27
C PRO A 622 5.14 35.51 -29.80
N ILE A 623 6.41 35.65 -29.42
CA ILE A 623 7.29 34.61 -28.92
C ILE A 623 6.85 34.30 -27.48
N PRO A 624 6.95 33.02 -27.05
CA PRO A 624 6.83 32.74 -25.61
C PRO A 624 7.92 33.48 -24.81
N ARG A 625 7.53 34.11 -23.72
CA ARG A 625 8.45 34.90 -22.91
C ARG A 625 8.71 34.40 -21.48
N LEU A 626 7.71 33.76 -20.88
CA LEU A 626 7.81 33.26 -19.52
C LEU A 626 7.90 31.73 -19.50
N PHE A 627 8.97 31.22 -18.92
CA PHE A 627 9.23 29.78 -18.84
C PHE A 627 9.24 29.28 -17.40
N PHE A 628 8.95 27.99 -17.22
CA PHE A 628 8.90 27.40 -15.88
C PHE A 628 9.68 26.11 -15.74
N ALA A 629 10.50 26.06 -14.70
CA ALA A 629 11.30 24.89 -14.39
C ALA A 629 11.12 24.67 -12.90
N GLY A 630 11.54 23.51 -12.43
CA GLY A 630 11.41 23.20 -11.03
C GLY A 630 10.79 21.84 -10.83
N GLU A 631 11.01 21.29 -9.64
CA GLU A 631 10.51 19.97 -9.29
C GLU A 631 9.04 19.78 -9.62
N HIS A 632 8.24 20.81 -9.39
CA HIS A 632 6.79 20.73 -9.64
C HIS A 632 6.41 20.79 -11.13
N THR A 633 7.41 20.86 -12.01
CA THR A 633 7.15 20.95 -13.46
C THR A 633 7.55 19.72 -14.28
N ILE A 634 8.03 18.66 -13.61
CA ILE A 634 8.47 17.45 -14.28
C ILE A 634 7.64 16.23 -13.81
N ARG A 635 6.68 15.87 -14.66
CA ARG A 635 5.73 14.78 -14.44
C ARG A 635 6.31 13.40 -14.07
N ASN A 636 7.35 12.97 -14.76
CA ASN A 636 7.94 11.65 -14.46
C ASN A 636 8.86 11.59 -13.25
N TYR A 637 9.45 12.73 -12.87
CA TYR A 637 10.38 12.74 -11.73
C TYR A 637 10.14 13.90 -10.74
N PRO A 638 8.89 14.10 -10.30
CA PRO A 638 8.70 15.27 -9.44
C PRO A 638 9.22 15.00 -8.03
N ALA A 639 9.13 16.03 -7.19
CA ALA A 639 9.54 15.98 -5.78
C ALA A 639 10.94 15.42 -5.55
N THR A 640 11.86 15.65 -6.49
CA THR A 640 13.22 15.13 -6.35
C THR A 640 14.25 16.14 -6.83
N VAL A 641 15.52 15.83 -6.60
CA VAL A 641 16.62 16.70 -7.04
C VAL A 641 16.86 16.43 -8.51
N HIS A 642 16.92 15.15 -8.90
CA HIS A 642 17.14 14.80 -10.30
C HIS A 642 16.06 15.41 -11.20
N GLY A 643 14.83 15.40 -10.72
CA GLY A 643 13.70 15.99 -11.44
C GLY A 643 13.92 17.47 -11.66
N ALA A 644 14.33 18.16 -10.60
CA ALA A 644 14.60 19.60 -10.69
C ALA A 644 15.69 19.82 -11.72
N LEU A 645 16.79 19.08 -11.55
CA LEU A 645 17.94 19.12 -12.45
C LEU A 645 17.49 18.92 -13.90
N LEU A 646 16.69 17.88 -14.12
CA LEU A 646 16.19 17.59 -15.47
C LEU A 646 15.25 18.67 -16.01
N SER A 647 14.43 19.27 -15.16
CA SER A 647 13.50 20.32 -15.59
C SER A 647 14.26 21.56 -16.08
N GLY A 648 15.40 21.84 -15.44
CA GLY A 648 16.25 22.97 -15.81
C GLY A 648 16.85 22.72 -17.18
N LEU A 649 17.30 21.48 -17.41
CA LEU A 649 17.89 21.10 -18.70
C LEU A 649 16.85 21.21 -19.79
N ARG A 650 15.61 20.83 -19.47
CA ARG A 650 14.51 20.89 -20.43
C ARG A 650 14.27 22.33 -20.89
N GLU A 651 14.10 23.25 -19.95
CA GLU A 651 13.86 24.65 -20.28
C GLU A 651 15.01 25.31 -21.00
N ALA A 652 16.24 25.01 -20.59
CA ALA A 652 17.43 25.59 -21.23
C ALA A 652 17.42 25.29 -22.72
N GLY A 653 17.07 24.05 -23.06
CA GLY A 653 17.00 23.61 -24.44
C GLY A 653 15.87 24.29 -25.18
N ARG A 654 14.71 24.40 -24.52
CA ARG A 654 13.54 25.03 -25.12
C ARG A 654 13.76 26.53 -25.36
N ILE A 655 14.41 27.20 -24.41
CA ILE A 655 14.70 28.62 -24.51
C ILE A 655 15.72 28.89 -25.62
N ALA A 656 16.81 28.12 -25.61
CA ALA A 656 17.85 28.26 -26.62
C ALA A 656 17.27 28.03 -28.02
N ASP A 657 16.44 26.99 -28.15
CA ASP A 657 15.80 26.66 -29.43
C ASP A 657 14.99 27.82 -29.96
N GLN A 658 14.29 28.50 -29.05
CA GLN A 658 13.44 29.63 -29.36
C GLN A 658 14.21 30.93 -29.67
N PHE A 659 15.23 31.22 -28.86
CA PHE A 659 16.00 32.45 -29.04
C PHE A 659 17.34 32.35 -29.77
N LEU A 660 17.75 31.15 -30.16
CA LEU A 660 19.02 30.96 -30.89
C LEU A 660 18.82 30.15 -32.16
N GLY A 661 17.63 29.56 -32.30
CA GLY A 661 17.31 28.75 -33.47
C GLY A 661 17.89 27.35 -33.38
N ALA A 662 17.22 26.40 -34.01
CA ALA A 662 17.65 25.01 -34.02
C ALA A 662 18.10 24.59 -35.42
N MET A 663 19.42 24.59 -35.64
CA MET A 663 19.99 24.22 -36.94
C MET A 663 19.85 22.74 -37.28
N TYR A 664 19.74 21.90 -36.26
CA TYR A 664 19.59 20.44 -36.40
C TYR A 664 18.20 19.95 -36.82
N THR A 665 17.23 20.86 -36.89
CA THR A 665 15.85 20.51 -37.27
C THR A 665 15.54 20.91 -38.71
N ARG B 61 -6.65 -8.37 -10.98
CA ARG B 61 -8.14 -8.54 -11.01
C ARG B 61 -8.63 -9.31 -9.77
N LYS B 62 -7.73 -9.50 -8.81
CA LYS B 62 -8.02 -10.20 -7.56
C LYS B 62 -7.38 -9.44 -6.40
N PRO B 63 -8.08 -9.38 -5.25
CA PRO B 63 -7.50 -8.81 -4.04
C PRO B 63 -6.35 -9.68 -3.54
N PRO B 64 -5.44 -9.11 -2.72
CA PRO B 64 -4.38 -9.92 -2.10
C PRO B 64 -4.93 -11.16 -1.40
N LYS B 65 -4.24 -12.29 -1.53
CA LYS B 65 -4.65 -13.55 -0.93
C LYS B 65 -4.83 -13.44 0.59
N GLY B 66 -6.09 -13.41 1.02
CA GLY B 66 -6.43 -13.29 2.44
C GLY B 66 -7.20 -12.00 2.71
N MET B 67 -7.09 -11.04 1.80
CA MET B 67 -7.78 -9.75 1.90
C MET B 67 -9.18 -9.91 1.34
N PHE B 68 -10.15 -9.19 1.90
CA PHE B 68 -11.54 -9.28 1.43
C PHE B 68 -12.14 -7.94 1.07
N LEU B 69 -12.49 -7.80 -0.20
CA LEU B 69 -13.07 -6.58 -0.75
C LEU B 69 -14.12 -6.92 -1.79
N SER B 70 -15.28 -6.29 -1.69
CA SER B 70 -16.37 -6.52 -2.63
C SER B 70 -17.18 -5.26 -2.84
N GLN B 71 -17.68 -5.08 -4.07
CA GLN B 71 -18.48 -3.92 -4.43
C GLN B 71 -19.60 -3.64 -3.43
N GLU B 72 -20.27 -4.71 -3.00
CA GLU B 72 -21.37 -4.64 -2.05
C GLU B 72 -20.94 -4.11 -0.68
N ASP B 73 -19.84 -4.66 -0.15
CA ASP B 73 -19.31 -4.26 1.15
C ASP B 73 -18.75 -2.84 1.18
N VAL B 74 -18.15 -2.41 0.07
CA VAL B 74 -17.57 -1.07 -0.04
C VAL B 74 -18.67 -0.01 -0.04
N GLU B 75 -19.74 -0.29 -0.79
CA GLU B 75 -20.89 0.63 -0.88
C GLU B 75 -21.61 0.77 0.46
N ALA B 76 -21.74 -0.34 1.18
CA ALA B 76 -22.42 -0.38 2.48
C ALA B 76 -21.67 0.38 3.58
N VAL B 77 -20.34 0.36 3.52
CA VAL B 77 -19.50 1.02 4.51
C VAL B 77 -19.31 2.51 4.19
N SER B 78 -19.34 2.85 2.91
CA SER B 78 -19.16 4.25 2.49
C SER B 78 -20.47 4.95 2.10
N ALA B 79 -21.60 4.41 2.57
CA ALA B 79 -22.93 4.98 2.29
C ALA B 79 -23.11 6.33 2.98
N ASN B 80 -22.57 6.44 4.19
CA ASN B 80 -22.63 7.67 4.99
C ASN B 80 -21.44 7.77 5.94
N ALA B 81 -21.32 8.90 6.63
CA ALA B 81 -20.21 9.15 7.56
C ALA B 81 -20.18 8.26 8.80
N THR B 82 -21.28 7.55 9.06
CA THR B 82 -21.37 6.67 10.24
C THR B 82 -21.71 5.21 9.89
N ALA B 83 -21.81 4.92 8.60
CA ALA B 83 -22.13 3.56 8.13
C ALA B 83 -21.11 2.52 8.57
N ALA B 84 -19.83 2.89 8.54
CA ALA B 84 -18.74 2.00 8.95
C ALA B 84 -18.87 1.55 10.40
N THR B 85 -19.16 2.50 11.28
CA THR B 85 -19.33 2.23 12.70
C THR B 85 -20.61 1.43 12.93
N THR B 86 -21.67 1.78 12.20
CA THR B 86 -22.97 1.11 12.30
C THR B 86 -22.88 -0.36 11.90
N VAL B 87 -22.17 -0.64 10.80
CA VAL B 87 -22.00 -2.00 10.30
C VAL B 87 -21.25 -2.87 11.31
N LEU B 88 -20.14 -2.35 11.83
CA LEU B 88 -19.32 -3.07 12.81
C LEU B 88 -20.02 -3.27 14.15
N ARG B 89 -20.84 -2.29 14.54
CA ARG B 89 -21.57 -2.35 15.81
C ARG B 89 -22.67 -3.43 15.73
N GLN B 90 -23.40 -3.45 14.61
CA GLN B 90 -24.47 -4.43 14.40
C GLN B 90 -23.94 -5.85 14.33
N LEU B 91 -22.67 -6.00 13.95
CA LEU B 91 -22.04 -7.31 13.88
C LEU B 91 -21.55 -7.70 15.28
N ASP B 92 -21.11 -6.70 16.04
CA ASP B 92 -20.63 -6.90 17.41
C ASP B 92 -21.77 -7.35 18.32
N MET B 93 -22.94 -6.75 18.11
CA MET B 93 -24.12 -7.07 18.87
C MET B 93 -24.66 -8.45 18.51
N GLU B 94 -24.55 -8.80 17.23
CA GLU B 94 -25.01 -10.10 16.75
C GLU B 94 -24.15 -11.24 17.30
N LEU B 95 -22.92 -10.90 17.69
CA LEU B 95 -21.99 -11.88 18.25
C LEU B 95 -22.39 -12.22 19.69
N VAL B 96 -22.76 -11.19 20.45
CA VAL B 96 -23.19 -11.36 21.84
C VAL B 96 -24.53 -12.12 21.86
N SER B 97 -25.37 -11.81 20.87
CA SER B 97 -26.68 -12.42 20.69
C SER B 97 -26.59 -13.92 20.44
N VAL B 98 -25.51 -14.35 19.80
CA VAL B 98 -25.29 -15.77 19.51
C VAL B 98 -24.52 -16.45 20.64
N LYS B 99 -23.62 -15.70 21.29
CA LYS B 99 -22.83 -16.24 22.40
C LYS B 99 -23.70 -16.61 23.59
N ARG B 100 -24.69 -15.77 23.90
CA ARG B 100 -25.61 -16.03 25.02
C ARG B 100 -26.60 -17.12 24.64
N GLN B 101 -26.82 -17.28 23.34
CA GLN B 101 -27.72 -18.30 22.81
C GLN B 101 -27.06 -19.67 22.94
N ILE B 102 -25.73 -19.68 22.92
CA ILE B 102 -24.94 -20.91 23.05
C ILE B 102 -25.02 -21.42 24.48
N GLN B 103 -24.73 -20.54 25.44
CA GLN B 103 -24.76 -20.89 26.86
C GLN B 103 -26.15 -21.30 27.31
N ASN B 104 -27.17 -20.79 26.62
CA ASN B 104 -28.56 -21.11 26.91
C ASN B 104 -28.85 -22.56 26.54
N ILE B 105 -28.43 -22.96 25.36
CA ILE B 105 -28.64 -24.33 24.88
C ILE B 105 -27.66 -25.29 25.56
N LYS B 106 -26.51 -24.78 25.98
CA LYS B 106 -25.51 -25.59 26.69
C LYS B 106 -26.08 -26.01 28.05
N GLN B 107 -26.83 -25.11 28.65
CA GLN B 107 -27.49 -25.33 29.94
C GLN B 107 -28.67 -26.29 29.76
N THR B 108 -29.37 -26.15 28.64
CA THR B 108 -30.52 -26.99 28.30
C THR B 108 -30.06 -28.42 28.02
N ASN B 109 -28.93 -28.57 27.33
CA ASN B 109 -28.38 -29.88 26.99
C ASN B 109 -27.78 -30.58 28.21
N SER B 110 -27.22 -29.79 29.13
CA SER B 110 -26.60 -30.31 30.34
C SER B 110 -27.66 -30.95 31.25
N ALA B 111 -28.85 -30.34 31.28
CA ALA B 111 -29.96 -30.82 32.08
C ALA B 111 -30.55 -32.09 31.48
N LEU B 112 -30.55 -32.18 30.15
CA LEU B 112 -31.06 -33.35 29.45
C LEU B 112 -30.12 -34.55 29.57
N LYS B 113 -28.83 -34.25 29.77
CA LYS B 113 -27.81 -35.29 29.92
C LYS B 113 -27.93 -35.97 31.28
N GLU B 114 -28.39 -35.21 32.28
CA GLU B 114 -28.58 -35.73 33.63
C GLU B 114 -29.77 -36.69 33.68
N LYS B 115 -30.75 -36.45 32.81
CA LYS B 115 -31.94 -37.28 32.72
C LYS B 115 -31.62 -38.60 32.00
N LEU B 116 -30.38 -38.70 31.52
CA LEU B 116 -29.93 -39.90 30.82
C LEU B 116 -28.86 -40.64 31.63
N ASP B 117 -28.63 -40.17 32.86
CA ASP B 117 -27.65 -40.78 33.75
C ASP B 117 -28.05 -42.23 34.04
N GLY B 118 -27.12 -43.15 33.83
CA GLY B 118 -27.37 -44.57 34.04
C GLY B 118 -27.68 -45.27 32.73
N GLY B 119 -28.04 -44.48 31.71
CA GLY B 119 -28.37 -45.00 30.38
C GLY B 119 -29.58 -45.91 30.40
N ILE B 120 -29.45 -47.06 29.74
CA ILE B 120 -30.52 -48.04 29.66
C ILE B 120 -30.05 -49.42 30.17
N GLU B 121 -29.06 -49.40 31.06
CA GLU B 121 -28.49 -50.61 31.65
C GLU B 121 -29.46 -51.45 32.50
N PRO B 122 -30.25 -50.81 33.38
CA PRO B 122 -31.20 -51.60 34.17
C PRO B 122 -32.39 -52.12 33.38
N TYR B 123 -32.48 -51.77 32.10
CA TYR B 123 -33.58 -52.20 31.24
C TYR B 123 -33.11 -53.13 30.11
N ARG B 124 -31.86 -53.59 30.24
CA ARG B 124 -31.26 -54.47 29.25
C ARG B 124 -31.52 -55.94 29.57
N LEU B 125 -31.93 -56.70 28.55
CA LEU B 125 -32.22 -58.12 28.72
C LEU B 125 -31.17 -58.99 28.02
N PRO B 126 -30.76 -60.10 28.66
CA PRO B 126 -29.81 -61.03 28.05
C PRO B 126 -30.39 -61.69 26.80
N GLU B 127 -29.52 -62.07 25.87
CA GLU B 127 -29.95 -62.71 24.62
C GLU B 127 -30.09 -64.22 24.79
N VAL B 128 -31.32 -64.72 24.58
CA VAL B 128 -31.62 -66.14 24.69
C VAL B 128 -31.34 -66.83 23.35
N ILE B 129 -30.07 -67.14 23.11
CA ILE B 129 -29.64 -67.80 21.87
C ILE B 129 -29.94 -69.30 21.88
N GLN B 130 -30.86 -69.71 21.01
CA GLN B 130 -31.25 -71.12 20.91
C GLN B 130 -31.07 -71.70 19.50
N LYS B 131 -30.93 -73.01 19.43
CA LYS B 131 -30.73 -73.73 18.16
C LYS B 131 -31.90 -73.54 17.20
N CYS B 132 -31.58 -73.24 15.94
CA CYS B 132 -32.58 -73.03 14.91
C CYS B 132 -33.13 -74.37 14.41
N ASN B 133 -34.35 -74.69 14.83
CA ASN B 133 -35.02 -75.93 14.45
C ASN B 133 -35.80 -75.78 13.15
N ALA B 134 -35.78 -76.83 12.32
CA ALA B 134 -36.47 -76.82 11.03
C ALA B 134 -37.97 -77.10 11.12
N ARG B 135 -38.36 -78.01 12.01
CA ARG B 135 -39.78 -78.38 12.19
C ARG B 135 -40.55 -77.37 13.03
N TRP B 136 -41.83 -77.21 12.68
CA TRP B 136 -42.73 -76.29 13.37
C TRP B 136 -43.60 -77.00 14.38
N THR B 137 -43.51 -76.60 15.64
CA THR B 137 -44.34 -77.18 16.69
C THR B 137 -45.62 -76.36 16.71
N THR B 138 -46.72 -76.97 17.16
CA THR B 138 -48.01 -76.30 17.23
C THR B 138 -47.91 -74.91 17.86
N GLU B 139 -47.14 -74.82 18.94
CA GLU B 139 -46.91 -73.56 19.66
C GLU B 139 -46.21 -72.51 18.80
N GLU B 140 -45.23 -72.94 18.02
CA GLU B 140 -44.48 -72.05 17.15
C GLU B 140 -45.35 -71.45 16.06
N GLN B 141 -46.25 -72.26 15.50
CA GLN B 141 -47.17 -71.82 14.45
C GLN B 141 -48.11 -70.73 14.98
N LEU B 142 -48.60 -70.93 16.20
CA LEU B 142 -49.50 -69.98 16.85
C LEU B 142 -48.81 -68.68 17.19
N LEU B 143 -47.50 -68.76 17.46
CA LEU B 143 -46.71 -67.58 17.77
C LEU B 143 -46.58 -66.75 16.50
N ALA B 144 -46.41 -67.44 15.37
CA ALA B 144 -46.27 -66.81 14.06
C ALA B 144 -47.54 -66.04 13.70
N VAL B 145 -48.68 -66.73 13.75
CA VAL B 145 -49.99 -66.12 13.45
C VAL B 145 -50.18 -64.78 14.17
N GLN B 146 -49.88 -64.76 15.47
CA GLN B 146 -50.02 -63.54 16.27
C GLN B 146 -48.98 -62.48 15.89
N ALA B 147 -47.82 -62.95 15.42
CA ALA B 147 -46.73 -62.05 15.01
C ALA B 147 -47.11 -61.36 13.71
N ILE B 148 -47.75 -62.11 12.81
CA ILE B 148 -48.20 -61.60 11.52
C ILE B 148 -49.30 -60.56 11.76
N ARG B 149 -50.11 -60.80 12.79
CA ARG B 149 -51.20 -59.91 13.16
C ARG B 149 -50.69 -58.59 13.76
N LYS B 150 -49.57 -58.66 14.46
CA LYS B 150 -48.99 -57.49 15.12
C LYS B 150 -47.93 -56.74 14.30
N TYR B 151 -47.11 -57.48 13.53
CA TYR B 151 -46.04 -56.87 12.74
C TYR B 151 -46.30 -56.74 11.24
N GLY B 152 -47.20 -57.57 10.72
CA GLY B 152 -47.54 -57.54 9.30
C GLY B 152 -46.60 -58.32 8.40
N ARG B 153 -45.69 -57.60 7.73
CA ARG B 153 -44.75 -58.22 6.81
C ARG B 153 -43.28 -58.17 7.26
N ASP B 154 -43.05 -57.66 8.47
CA ASP B 154 -41.69 -57.57 9.02
C ASP B 154 -41.22 -58.97 9.42
N PHE B 155 -40.74 -59.72 8.42
CA PHE B 155 -40.26 -61.09 8.61
C PHE B 155 -39.19 -61.21 9.70
N GLN B 156 -38.38 -60.17 9.85
CA GLN B 156 -37.32 -60.16 10.86
C GLN B 156 -37.91 -60.18 12.28
N ALA B 157 -38.93 -59.35 12.50
CA ALA B 157 -39.60 -59.26 13.79
C ALA B 157 -40.26 -60.59 14.14
N ILE B 158 -41.04 -61.12 13.19
CA ILE B 158 -41.74 -62.40 13.36
C ILE B 158 -40.76 -63.50 13.76
N SER B 159 -39.63 -63.54 13.07
CA SER B 159 -38.58 -64.53 13.33
C SER B 159 -37.97 -64.37 14.73
N ASP B 160 -37.83 -63.13 15.19
CA ASP B 160 -37.26 -62.85 16.50
C ASP B 160 -38.22 -63.19 17.63
N VAL B 161 -39.52 -63.14 17.33
CA VAL B 161 -40.57 -63.47 18.30
C VAL B 161 -40.56 -64.97 18.55
N ILE B 162 -40.46 -65.75 17.48
CA ILE B 162 -40.44 -67.21 17.58
C ILE B 162 -39.15 -67.69 18.26
N GLY B 163 -38.01 -67.18 17.80
CA GLY B 163 -36.72 -67.53 18.38
C GLY B 163 -35.90 -68.60 17.66
N ASN B 164 -36.56 -69.65 17.20
CA ASN B 164 -35.86 -70.73 16.51
C ASN B 164 -36.19 -70.92 15.02
N LYS B 165 -36.66 -69.86 14.38
CA LYS B 165 -37.00 -69.91 12.95
C LYS B 165 -36.29 -68.80 12.19
N SER B 166 -35.69 -69.15 11.05
CA SER B 166 -34.97 -68.18 10.21
C SER B 166 -35.93 -67.30 9.42
N VAL B 167 -35.38 -66.26 8.81
CA VAL B 167 -36.16 -65.31 8.00
C VAL B 167 -36.79 -65.99 6.78
N VAL B 168 -36.10 -66.98 6.22
CA VAL B 168 -36.60 -67.70 5.05
C VAL B 168 -37.74 -68.66 5.45
N GLN B 169 -37.60 -69.28 6.62
CA GLN B 169 -38.61 -70.21 7.12
C GLN B 169 -39.94 -69.51 7.42
N VAL B 170 -39.84 -68.21 7.74
CA VAL B 170 -41.02 -67.38 8.01
C VAL B 170 -41.75 -67.15 6.69
N LYS B 171 -40.99 -66.77 5.65
CA LYS B 171 -41.56 -66.51 4.32
C LYS B 171 -42.23 -67.77 3.76
N ASN B 172 -41.64 -68.93 4.04
CA ASN B 172 -42.18 -70.20 3.59
C ASN B 172 -43.49 -70.53 4.30
N PHE B 173 -43.60 -70.05 5.54
CA PHE B 173 -44.80 -70.26 6.36
C PHE B 173 -45.96 -69.47 5.74
N PHE B 174 -45.66 -68.26 5.25
CA PHE B 174 -46.65 -67.37 4.62
C PHE B 174 -47.33 -68.02 3.42
N VAL B 175 -46.59 -68.85 2.68
CA VAL B 175 -47.11 -69.53 1.51
C VAL B 175 -47.69 -70.91 1.86
N ASN B 176 -46.97 -71.68 2.68
CA ASN B 176 -47.40 -73.01 3.08
C ASN B 176 -48.72 -73.06 3.86
N TYR B 177 -48.84 -72.20 4.87
CA TYR B 177 -50.04 -72.16 5.70
C TYR B 177 -50.89 -70.92 5.39
N ARG B 178 -50.89 -70.51 4.12
CA ARG B 178 -51.65 -69.35 3.66
C ARG B 178 -53.16 -69.48 3.87
N ARG B 179 -53.74 -70.55 3.34
CA ARG B 179 -55.18 -70.80 3.44
C ARG B 179 -55.62 -71.19 4.85
N ARG B 180 -55.00 -72.25 5.39
CA ARG B 180 -55.32 -72.78 6.72
C ARG B 180 -55.29 -71.78 7.89
N PHE B 181 -54.35 -70.84 7.85
CA PHE B 181 -54.23 -69.85 8.92
C PHE B 181 -54.78 -68.47 8.55
N ASN B 182 -55.64 -68.44 7.53
CA ASN B 182 -56.28 -67.20 7.06
C ASN B 182 -55.33 -65.99 7.05
N ILE B 183 -54.12 -66.19 6.55
CA ILE B 183 -53.11 -65.12 6.49
C ILE B 183 -53.60 -63.91 5.71
N ASP B 184 -54.44 -64.14 4.70
CA ASP B 184 -55.00 -63.06 3.89
C ASP B 184 -55.83 -62.12 4.78
N GLU B 185 -56.63 -62.71 5.67
CA GLU B 185 -57.46 -61.96 6.62
C GLU B 185 -56.60 -61.27 7.66
N VAL B 186 -55.60 -61.99 8.16
CA VAL B 186 -54.67 -61.48 9.18
C VAL B 186 -53.88 -60.28 8.67
N LEU B 187 -53.48 -60.33 7.39
CA LEU B 187 -52.72 -59.25 6.78
C LEU B 187 -53.56 -57.98 6.60
N GLN B 188 -54.82 -58.13 6.22
CA GLN B 188 -55.71 -56.99 6.03
C GLN B 188 -56.12 -56.40 7.39
N GLU B 189 -56.08 -57.25 8.43
CA GLU B 189 -56.40 -56.85 9.79
C GLU B 189 -55.32 -55.91 10.31
N TRP B 190 -54.07 -56.20 9.94
CA TRP B 190 -52.93 -55.41 10.34
C TRP B 190 -52.95 -54.05 9.64
N GLU B 191 -53.40 -54.04 8.38
CA GLU B 191 -53.47 -52.82 7.57
C GLU B 191 -54.50 -51.81 8.11
N ALA B 192 -55.53 -52.32 8.79
CA ALA B 192 -56.59 -51.49 9.36
C ALA B 192 -56.15 -50.74 10.62
N GLU B 193 -55.03 -51.13 11.20
CA GLU B 193 -54.50 -50.50 12.42
C GLU B 193 -52.99 -50.27 12.39
N HIS B 194 -52.35 -50.67 11.29
CA HIS B 194 -50.90 -50.54 11.08
C HIS B 194 -50.05 -51.41 12.02
#